data_5S7J
#
_entry.id   5S7J
#
_cell.length_a   126.750
_cell.length_b   84.766
_cell.length_c   87.695
_cell.angle_alpha   90.000
_cell.angle_beta   130.870
_cell.angle_gamma   90.000
#
_symmetry.space_group_name_H-M   'C 1 2 1'
#
loop_
_entity.id
_entity.type
_entity.pdbx_description
1 polymer 'Activin receptor type-1'
2 non-polymer 4-methyl-3-[4-(1-methylpiperidin-4-yl)phenyl]-5-(3,4,5-trimethoxyphenyl)pyridine
3 non-polymer 1,2-ETHANEDIOL
4 non-polymer 1-[(2R)-oxolan-2-yl]methanamine
5 non-polymer 'DIMETHYL SULFOXIDE'
6 non-polymer 'SULFATE ION'
7 water water
#
_entity_poly.entity_id   1
_entity_poly.type   'polypeptide(L)'
_entity_poly.pdbx_seq_one_letter_code
;SMQRTVARDITLLECVGKGRYGEVWRGSWQGENVAVKIFSSRDEKSWFRETELYNTVMLRHENILGFIASDMTSRHSSTQ
LWLITHYHEMGSLYDYLQLTTLDTVSCLRIVLSIASGLAHLHIEIFGTQGKPAIAHRDLKSKNILVKKNGQCCIADLGLA
VMHSQSTNQLDVGNNPRVGTKRYMAPEVLDETIQVDCFDSYKRVDIWAFGLVLWEVARRMVSNGIVEDYKPPFYDVVPND
PSFEDMRKVVCVDQQRPNIPNRWFSDPTLTSLAKLMKECWYQNPSARLTALRIKKTLTKID
;
_entity_poly.pdbx_strand_id   A,B
#
loop_
_chem_comp.id
_chem_comp.type
_chem_comp.name
_chem_comp.formula
DMS non-polymer 'DIMETHYL SULFOXIDE' 'C2 H6 O S'
EDO non-polymer 1,2-ETHANEDIOL 'C2 H6 O2'
LU8 non-polymer 4-methyl-3-[4-(1-methylpiperidin-4-yl)phenyl]-5-(3,4,5-trimethoxyphenyl)pyridine 'C27 H32 N2 O3'
SO4 non-polymer 'SULFATE ION' 'O4 S -2'
XHG non-polymer 1-[(2R)-oxolan-2-yl]methanamine 'C5 H11 N O'
#
# COMPACT_ATOMS: atom_id res chain seq x y z
N GLN A 3 30.98 -28.46 -14.76
CA GLN A 3 29.52 -28.23 -14.76
C GLN A 3 29.25 -26.78 -15.20
N ARG A 4 29.95 -25.76 -14.67
CA ARG A 4 29.75 -24.36 -15.17
C ARG A 4 30.83 -23.36 -14.71
N THR A 5 31.05 -22.38 -15.59
CA THR A 5 31.95 -21.22 -15.38
C THR A 5 31.17 -20.20 -14.58
N VAL A 6 31.81 -19.65 -13.54
CA VAL A 6 31.27 -18.54 -12.71
C VAL A 6 32.20 -17.36 -12.95
N ALA A 7 31.78 -16.50 -13.90
CA ALA A 7 32.51 -15.29 -14.31
C ALA A 7 32.26 -14.23 -13.25
N ARG A 8 33.31 -13.89 -12.54
CA ARG A 8 33.30 -13.01 -11.37
C ARG A 8 34.15 -11.80 -11.74
N ASP A 9 34.94 -11.91 -12.81
CA ASP A 9 35.75 -10.77 -13.30
C ASP A 9 34.81 -9.56 -13.47
N ILE A 10 35.16 -8.44 -12.84
CA ILE A 10 34.51 -7.13 -13.06
C ILE A 10 35.61 -6.18 -13.52
N THR A 11 35.47 -5.57 -14.68
CA THR A 11 36.37 -4.49 -15.15
C THR A 11 35.94 -3.17 -14.50
N LEU A 12 36.83 -2.58 -13.70
CA LEU A 12 36.63 -1.22 -13.14
C LEU A 12 37.07 -0.24 -14.23
N LEU A 13 36.17 0.61 -14.69
CA LEU A 13 36.44 1.43 -15.90
C LEU A 13 36.73 2.86 -15.50
N GLU A 14 35.98 3.42 -14.55
CA GLU A 14 36.06 4.87 -14.25
C GLU A 14 35.65 5.06 -12.79
N CYS A 15 36.41 5.84 -12.03
CA CYS A 15 36.06 6.18 -10.65
C CYS A 15 35.08 7.35 -10.71
N VAL A 16 33.88 7.19 -10.14
CA VAL A 16 32.80 8.21 -10.20
C VAL A 16 32.57 8.82 -8.81
N GLY A 17 33.38 8.43 -7.82
CA GLY A 17 33.24 8.89 -6.44
C GLY A 17 34.44 8.42 -5.62
N LYS A 18 34.99 9.32 -4.82
CA LYS A 18 36.12 9.06 -3.88
C LYS A 18 35.84 9.88 -2.65
N GLY A 19 35.80 9.24 -1.48
CA GLY A 19 35.47 9.89 -0.21
C GLY A 19 36.23 9.22 0.92
N ARG A 20 35.88 9.56 2.16
CA ARG A 20 36.34 8.83 3.35
C ARG A 20 35.72 7.42 3.33
N TYR A 21 34.52 7.23 2.75
CA TYR A 21 33.80 5.91 2.68
C TYR A 21 34.61 4.88 1.88
N GLY A 22 35.53 5.34 1.03
CA GLY A 22 36.14 4.54 -0.04
C GLY A 22 35.89 5.15 -1.40
N GLU A 23 35.63 4.33 -2.41
CA GLU A 23 35.46 4.76 -3.83
C GLU A 23 34.22 4.10 -4.46
N VAL A 24 33.58 4.77 -5.42
CA VAL A 24 32.64 4.08 -6.35
C VAL A 24 33.19 4.15 -7.77
N TRP A 25 33.13 3.03 -8.46
CA TRP A 25 33.56 2.79 -9.85
C TRP A 25 32.40 2.39 -10.73
N ARG A 26 32.36 2.96 -11.93
CA ARG A 26 31.65 2.32 -13.05
C ARG A 26 32.44 1.09 -13.46
N GLY A 27 31.75 -0.03 -13.53
CA GLY A 27 32.35 -1.31 -13.89
C GLY A 27 31.51 -1.98 -14.93
N SER A 28 32.03 -3.08 -15.39
CA SER A 28 31.44 -3.86 -16.48
C SER A 28 31.50 -5.30 -16.05
N TRP A 29 30.36 -5.98 -16.11
CA TRP A 29 30.29 -7.45 -15.97
C TRP A 29 29.54 -8.03 -17.16
N GLN A 30 30.21 -8.84 -18.00
CA GLN A 30 29.47 -9.54 -19.08
C GLN A 30 28.68 -8.53 -19.89
N GLY A 31 29.32 -7.44 -20.32
CA GLY A 31 28.71 -6.37 -21.13
C GLY A 31 27.97 -5.33 -20.29
N GLU A 32 27.30 -5.77 -19.20
CA GLU A 32 26.29 -5.02 -18.37
C GLU A 32 27.01 -4.02 -17.45
N ASN A 33 26.56 -2.75 -17.42
CA ASN A 33 27.21 -1.74 -16.55
C ASN A 33 26.79 -2.05 -15.11
N VAL A 34 27.74 -1.96 -14.20
CA VAL A 34 27.46 -2.10 -12.75
C VAL A 34 28.18 -0.98 -12.02
N ALA A 35 27.73 -0.68 -10.81
CA ALA A 35 28.48 0.24 -9.94
C ALA A 35 29.17 -0.59 -8.86
N VAL A 36 30.43 -0.30 -8.57
CA VAL A 36 31.20 -1.05 -7.56
C VAL A 36 31.64 -0.07 -6.49
N LYS A 37 31.14 -0.26 -5.28
CA LYS A 37 31.61 0.52 -4.12
C LYS A 37 32.69 -0.30 -3.43
N ILE A 38 33.87 0.26 -3.35
CA ILE A 38 35.03 -0.36 -2.64
C ILE A 38 35.16 0.36 -1.30
N PHE A 39 35.00 -0.36 -0.20
CA PHE A 39 34.94 0.26 1.14
C PHE A 39 36.35 0.50 1.66
N SER A 40 36.54 1.65 2.31
CA SER A 40 37.69 1.93 3.20
C SER A 40 37.61 1.02 4.42
N SER A 41 38.75 0.74 5.05
CA SER A 41 38.78 -0.03 6.32
C SER A 41 37.97 0.75 7.34
N ARG A 42 37.99 2.08 7.24
CA ARG A 42 37.28 3.05 8.13
C ARG A 42 35.80 2.69 8.16
N ASP A 43 35.25 2.21 7.05
CA ASP A 43 33.77 2.06 6.90
C ASP A 43 33.37 0.61 6.60
N GLU A 44 34.13 -0.38 7.07
CA GLU A 44 33.78 -1.81 6.90
C GLU A 44 32.40 -2.10 7.48
N LYS A 45 31.99 -1.48 8.59
CA LYS A 45 30.71 -1.89 9.22
C LYS A 45 29.55 -1.51 8.29
N SER A 46 29.71 -0.51 7.43
CA SER A 46 28.62 -0.15 6.48
C SER A 46 28.45 -1.31 5.48
N TRP A 47 29.55 -1.89 5.00
CA TRP A 47 29.42 -3.07 4.09
C TRP A 47 28.72 -4.21 4.84
N PHE A 48 29.17 -4.51 6.05
CA PHE A 48 28.56 -5.59 6.88
C PHE A 48 27.08 -5.35 7.05
N ARG A 49 26.68 -4.12 7.38
CA ARG A 49 25.24 -3.88 7.68
C ARG A 49 24.40 -4.01 6.40
N GLU A 50 24.83 -3.44 5.29
CA GLU A 50 24.07 -3.56 4.05
C GLU A 50 23.97 -5.04 3.64
N THR A 51 25.08 -5.76 3.78
CA THR A 51 25.15 -7.20 3.42
C THR A 51 24.21 -7.97 4.37
N GLU A 52 24.25 -7.72 5.68
CA GLU A 52 23.35 -8.39 6.64
C GLU A 52 21.89 -8.14 6.28
N LEU A 53 21.56 -6.93 5.87
CA LEU A 53 20.17 -6.58 5.55
C LEU A 53 19.76 -7.37 4.29
N TYR A 54 20.57 -7.33 3.24
CA TYR A 54 20.22 -8.03 1.98
C TYR A 54 20.21 -9.56 2.14
N ASN A 55 20.96 -10.08 3.10
CA ASN A 55 20.93 -11.52 3.44
C ASN A 55 19.63 -11.82 4.19
N THR A 56 19.04 -10.83 4.82
CA THR A 56 17.76 -10.97 5.56
C THR A 56 16.58 -10.83 4.59
N VAL A 57 16.63 -9.83 3.72
CA VAL A 57 15.52 -9.50 2.80
C VAL A 57 16.12 -8.98 1.51
N MET A 58 15.80 -9.65 0.39
CA MET A 58 16.30 -9.20 -0.92
C MET A 58 15.35 -8.10 -1.44
N LEU A 59 15.62 -6.86 -1.05
CA LEU A 59 14.75 -5.76 -1.47
C LEU A 59 14.77 -5.66 -2.98
N ARG A 60 13.61 -5.48 -3.58
CA ARG A 60 13.48 -5.25 -5.03
C ARG A 60 12.41 -4.21 -5.23
N HIS A 61 12.80 -3.01 -5.58
CA HIS A 61 11.84 -1.89 -5.75
C HIS A 61 12.44 -0.89 -6.72
N GLU A 62 11.63 -0.35 -7.61
CA GLU A 62 12.13 0.58 -8.66
C GLU A 62 12.83 1.80 -8.04
N ASN A 63 12.48 2.17 -6.81
CA ASN A 63 13.07 3.38 -6.19
C ASN A 63 14.08 3.07 -5.08
N ILE A 64 14.57 1.83 -5.06
N ILE A 64 14.62 1.86 -5.09
CA ILE A 64 15.71 1.37 -4.20
CA ILE A 64 15.74 1.46 -4.18
C ILE A 64 16.85 0.99 -5.13
C ILE A 64 16.86 0.94 -5.06
N LEU A 65 18.06 1.49 -4.90
CA LEU A 65 19.20 1.09 -5.75
C LEU A 65 19.31 -0.43 -5.80
N GLY A 66 19.34 -0.98 -7.01
CA GLY A 66 19.29 -2.44 -7.20
C GLY A 66 20.54 -3.16 -6.76
N PHE A 67 20.38 -4.10 -5.83
CA PHE A 67 21.48 -4.94 -5.36
C PHE A 67 21.86 -5.97 -6.42
N ILE A 68 23.16 -6.14 -6.63
CA ILE A 68 23.69 -7.24 -7.44
C ILE A 68 24.50 -8.19 -6.55
N ALA A 69 25.49 -7.69 -5.82
CA ALA A 69 26.39 -8.58 -5.09
C ALA A 69 27.11 -7.90 -3.93
N SER A 70 27.41 -8.68 -2.90
CA SER A 70 28.39 -8.32 -1.86
C SER A 70 29.58 -9.29 -1.99
N ASP A 71 30.79 -8.74 -2.13
CA ASP A 71 32.00 -9.57 -2.32
C ASP A 71 33.02 -9.22 -1.26
N MET A 72 33.48 -10.25 -0.55
CA MET A 72 34.68 -10.16 0.34
C MET A 72 35.82 -10.99 -0.29
N THR A 73 36.98 -10.38 -0.51
CA THR A 73 38.16 -11.09 -1.08
C THR A 73 39.33 -10.95 -0.11
N SER A 74 39.95 -12.08 0.24
CA SER A 74 41.20 -12.15 1.06
C SER A 74 42.35 -11.57 0.23
N ARG A 75 43.10 -10.59 0.74
CA ARG A 75 44.33 -10.07 0.06
C ARG A 75 45.53 -10.39 0.95
N HIS A 76 46.75 -10.09 0.46
CA HIS A 76 48.04 -10.27 1.17
C HIS A 76 47.84 -10.11 2.68
N SER A 77 47.47 -8.92 3.14
CA SER A 77 47.40 -8.58 4.58
C SER A 77 46.19 -7.71 4.87
N SER A 78 45.13 -7.83 4.05
CA SER A 78 43.87 -7.07 4.27
C SER A 78 42.70 -7.88 3.69
N THR A 79 41.49 -7.47 4.04
CA THR A 79 40.24 -7.96 3.42
C THR A 79 39.69 -6.85 2.51
N GLN A 80 39.30 -7.16 1.30
CA GLN A 80 38.72 -6.18 0.34
C GLN A 80 37.20 -6.39 0.30
N LEU A 81 36.43 -5.31 0.48
CA LEU A 81 34.95 -5.39 0.56
C LEU A 81 34.35 -4.56 -0.57
N TRP A 82 33.57 -5.20 -1.42
CA TRP A 82 32.94 -4.55 -2.59
C TRP A 82 31.42 -4.72 -2.47
N LEU A 83 30.65 -3.69 -2.77
CA LEU A 83 29.20 -3.79 -2.97
C LEU A 83 28.94 -3.46 -4.43
N ILE A 84 28.23 -4.34 -5.13
CA ILE A 84 27.93 -4.19 -6.56
C ILE A 84 26.44 -3.95 -6.71
N THR A 85 26.10 -2.90 -7.42
CA THR A 85 24.72 -2.47 -7.66
C THR A 85 24.49 -2.15 -9.13
N HIS A 86 23.23 -1.89 -9.44
CA HIS A 86 22.89 -1.19 -10.69
C HIS A 86 23.70 0.09 -10.81
N TYR A 87 23.92 0.53 -12.05
CA TYR A 87 24.65 1.76 -12.37
C TYR A 87 23.69 2.77 -13.00
N HIS A 88 23.62 3.96 -12.42
CA HIS A 88 22.76 5.05 -12.89
C HIS A 88 23.63 6.20 -13.41
N GLU A 89 23.77 6.24 -14.74
CA GLU A 89 24.79 7.11 -15.36
C GLU A 89 24.52 8.61 -15.09
N MET A 90 23.31 9.02 -14.72
N MET A 90 23.29 9.01 -14.79
CA MET A 90 23.01 10.45 -14.50
CA MET A 90 22.98 10.43 -14.53
C MET A 90 23.47 10.90 -13.10
C MET A 90 23.67 10.87 -13.23
N GLY A 91 23.94 9.94 -12.30
CA GLY A 91 24.56 10.26 -11.02
C GLY A 91 23.58 10.64 -9.93
N SER A 92 24.06 11.26 -8.87
CA SER A 92 23.25 11.56 -7.68
C SER A 92 22.33 12.74 -7.97
N LEU A 93 21.25 12.79 -7.22
CA LEU A 93 20.34 13.97 -7.23
C LEU A 93 21.09 15.24 -6.84
N TYR A 94 22.00 15.18 -5.92
CA TYR A 94 22.87 16.30 -5.53
C TYR A 94 23.59 16.86 -6.77
N ASP A 95 24.27 16.02 -7.54
N ASP A 95 24.24 15.95 -7.50
CA ASP A 95 24.99 16.59 -8.71
CA ASP A 95 24.99 16.26 -8.76
C ASP A 95 23.99 17.01 -9.81
C ASP A 95 24.03 16.91 -9.77
N TYR A 96 22.90 16.25 -9.99
CA TYR A 96 21.91 16.55 -11.04
C TYR A 96 21.34 17.94 -10.82
N LEU A 97 21.04 18.27 -9.55
CA LEU A 97 20.39 19.57 -9.26
C LEU A 97 21.37 20.73 -9.48
N GLN A 98 22.66 20.50 -9.56
CA GLN A 98 23.62 21.64 -9.64
C GLN A 98 23.46 22.39 -10.97
N LEU A 99 23.20 21.66 -12.04
CA LEU A 99 23.28 22.10 -13.47
C LEU A 99 21.99 21.79 -14.23
N THR A 100 20.91 21.37 -13.56
CA THR A 100 19.62 21.14 -14.19
C THR A 100 18.57 21.94 -13.43
N THR A 101 17.66 22.59 -14.14
CA THR A 101 16.38 23.07 -13.56
C THR A 101 15.26 22.12 -13.95
N LEU A 102 14.13 22.21 -13.26
CA LEU A 102 13.03 21.25 -13.37
C LEU A 102 11.77 21.97 -13.80
N ASP A 103 10.87 21.27 -14.48
CA ASP A 103 9.47 21.71 -14.63
C ASP A 103 8.59 21.04 -13.60
N THR A 104 7.33 21.34 -13.57
CA THR A 104 6.38 20.80 -12.59
C THR A 104 6.36 19.27 -12.64
N VAL A 105 6.26 18.71 -13.83
CA VAL A 105 6.13 17.24 -13.97
C VAL A 105 7.41 16.58 -13.49
N SER A 106 8.57 17.12 -13.87
N SER A 106 8.58 17.06 -13.87
CA SER A 106 9.89 16.53 -13.53
CA SER A 106 9.85 16.40 -13.46
C SER A 106 10.19 16.64 -12.04
C SER A 106 10.05 16.55 -11.94
N CYS A 107 9.73 17.72 -11.39
CA CYS A 107 9.91 17.93 -9.94
C CYS A 107 9.04 16.95 -9.19
N LEU A 108 7.76 16.83 -9.53
CA LEU A 108 6.84 15.91 -8.85
C LEU A 108 7.30 14.46 -9.05
N ARG A 109 7.75 14.12 -10.22
CA ARG A 109 8.18 12.73 -10.50
C ARG A 109 9.37 12.36 -9.61
N ILE A 110 10.33 13.26 -9.50
CA ILE A 110 11.49 13.07 -8.58
C ILE A 110 11.01 12.88 -7.16
N VAL A 111 10.21 13.79 -6.62
CA VAL A 111 9.92 13.70 -5.17
C VAL A 111 8.95 12.57 -4.85
N LEU A 112 8.00 12.29 -5.73
CA LEU A 112 7.11 11.14 -5.49
C LEU A 112 7.90 9.82 -5.60
N SER A 113 8.91 9.74 -6.47
CA SER A 113 9.70 8.48 -6.59
C SER A 113 10.48 8.29 -5.28
N ILE A 114 11.01 9.38 -4.72
CA ILE A 114 11.75 9.25 -3.45
C ILE A 114 10.80 8.78 -2.37
N ALA A 115 9.65 9.46 -2.23
CA ALA A 115 8.64 9.06 -1.22
C ALA A 115 8.25 7.60 -1.39
N SER A 116 8.18 7.15 -2.64
N SER A 116 8.16 7.11 -2.62
CA SER A 116 7.79 5.75 -2.94
CA SER A 116 7.77 5.71 -2.90
C SER A 116 8.86 4.79 -2.39
C SER A 116 8.86 4.77 -2.39
N GLY A 117 10.13 5.08 -2.66
CA GLY A 117 11.22 4.25 -2.16
C GLY A 117 11.22 4.27 -0.65
N LEU A 118 11.01 5.43 -0.05
CA LEU A 118 11.08 5.54 1.41
C LEU A 118 9.92 4.81 2.06
N ALA A 119 8.71 4.94 1.53
CA ALA A 119 7.55 4.22 2.09
C ALA A 119 7.82 2.71 1.94
N HIS A 120 8.40 2.26 0.85
CA HIS A 120 8.72 0.82 0.69
C HIS A 120 9.66 0.38 1.82
N LEU A 121 10.72 1.13 2.10
CA LEU A 121 11.60 0.80 3.22
C LEU A 121 10.79 0.74 4.50
N HIS A 122 10.01 1.76 4.80
CA HIS A 122 9.38 1.93 6.11
C HIS A 122 8.36 0.84 6.45
N ILE A 123 7.64 0.29 5.47
N ILE A 123 7.73 0.24 5.42
CA ILE A 123 6.43 -0.49 5.85
CA ILE A 123 6.53 -0.65 5.59
C ILE A 123 6.72 -1.99 5.82
C ILE A 123 6.99 -2.07 5.91
N GLU A 124 6.42 -2.67 6.94
CA GLU A 124 6.56 -4.13 7.14
C GLU A 124 5.55 -4.82 6.23
N ILE A 125 5.96 -5.84 5.50
CA ILE A 125 5.06 -6.67 4.65
C ILE A 125 5.11 -8.07 5.24
N PHE A 126 3.95 -8.66 5.54
CA PHE A 126 3.86 -10.01 6.17
C PHE A 126 3.94 -11.08 5.08
N GLY A 127 4.48 -12.27 5.44
CA GLY A 127 4.55 -13.45 4.57
C GLY A 127 5.98 -14.00 4.45
N GLY A 130 7.64 -11.16 1.97
CA GLY A 130 7.50 -9.91 2.74
C GLY A 130 8.83 -9.27 3.09
N LYS A 131 8.82 -8.38 4.08
CA LYS A 131 10.03 -7.64 4.51
C LYS A 131 9.79 -7.05 5.87
N PRO A 132 10.86 -6.92 6.68
CA PRO A 132 10.81 -6.17 7.90
C PRO A 132 10.66 -4.70 7.51
N ALA A 133 10.16 -3.91 8.46
CA ALA A 133 10.24 -2.44 8.35
C ALA A 133 11.71 -2.02 8.44
N ILE A 134 12.07 -1.00 7.66
CA ILE A 134 13.45 -0.50 7.58
C ILE A 134 13.45 1.00 7.66
N ALA A 135 14.30 1.56 8.50
CA ALA A 135 14.62 3.01 8.44
C ALA A 135 16.03 3.21 7.92
N HIS A 136 16.22 4.21 7.10
CA HIS A 136 17.47 4.47 6.35
C HIS A 136 18.56 5.05 7.24
N ARG A 137 18.25 6.18 7.87
CA ARG A 137 19.08 6.89 8.86
C ARG A 137 20.19 7.73 8.20
N ASP A 138 20.32 7.83 6.89
CA ASP A 138 21.24 8.81 6.28
C ASP A 138 20.67 9.28 4.94
N LEU A 139 19.39 9.63 4.91
CA LEU A 139 18.76 10.12 3.67
C LEU A 139 19.25 11.53 3.39
N LYS A 140 19.63 11.77 2.16
CA LYS A 140 20.16 13.05 1.68
C LYS A 140 20.24 13.01 0.17
N SER A 141 20.51 14.15 -0.46
CA SER A 141 20.48 14.20 -1.94
C SER A 141 21.69 13.44 -2.56
N LYS A 142 22.80 13.29 -1.84
CA LYS A 142 23.96 12.49 -2.33
C LYS A 142 23.64 11.00 -2.27
N ASN A 143 22.62 10.57 -1.51
CA ASN A 143 22.31 9.13 -1.36
C ASN A 143 21.07 8.78 -2.18
N ILE A 144 20.77 9.61 -3.16
CA ILE A 144 19.65 9.38 -4.11
C ILE A 144 20.22 9.47 -5.51
N LEU A 145 19.94 8.48 -6.39
CA LEU A 145 20.43 8.54 -7.77
CA LEU A 145 20.43 8.47 -7.77
C LEU A 145 19.27 8.81 -8.73
N VAL A 146 19.61 9.50 -9.81
CA VAL A 146 18.62 9.86 -10.87
C VAL A 146 18.71 8.79 -11.94
N LYS A 147 17.57 8.17 -12.24
CA LYS A 147 17.47 7.16 -13.31
C LYS A 147 17.15 7.85 -14.63
N LYS A 148 17.43 7.14 -15.73
CA LYS A 148 17.19 7.76 -17.05
C LYS A 148 15.69 8.08 -17.27
N ASN A 149 14.80 7.34 -16.62
CA ASN A 149 13.34 7.54 -16.78
C ASN A 149 12.80 8.69 -15.93
N GLY A 150 13.67 9.41 -15.24
CA GLY A 150 13.20 10.59 -14.47
C GLY A 150 12.80 10.28 -13.07
N GLN A 151 12.66 9.02 -12.70
CA GLN A 151 12.44 8.63 -11.30
C GLN A 151 13.82 8.54 -10.61
N CYS A 152 13.84 8.56 -9.29
CA CYS A 152 15.07 8.37 -8.51
C CYS A 152 15.04 7.04 -7.78
N CYS A 153 16.17 6.66 -7.23
CA CYS A 153 16.26 5.53 -6.30
C CYS A 153 17.16 5.91 -5.12
N ILE A 154 16.83 5.30 -4.00
CA ILE A 154 17.53 5.54 -2.72
C ILE A 154 18.70 4.55 -2.60
N ALA A 155 19.86 5.04 -2.19
CA ALA A 155 21.10 4.25 -2.05
C ALA A 155 21.60 4.32 -0.60
N ASP A 156 22.46 3.36 -0.26
CA ASP A 156 23.28 3.31 0.98
C ASP A 156 22.44 2.90 2.17
N LEU A 157 22.36 1.61 2.41
CA LEU A 157 21.69 1.07 3.60
C LEU A 157 22.71 0.69 4.68
N GLY A 158 23.88 1.31 4.66
CA GLY A 158 24.94 1.02 5.64
C GLY A 158 24.61 1.40 7.06
N LEU A 159 23.59 2.25 7.30
CA LEU A 159 23.17 2.70 8.65
C LEU A 159 21.76 2.21 8.95
N ALA A 160 21.19 1.39 8.03
CA ALA A 160 19.77 1.03 8.13
C ALA A 160 19.47 0.22 9.38
N VAL A 161 18.26 0.38 9.90
CA VAL A 161 17.75 -0.38 11.05
C VAL A 161 16.49 -1.11 10.62
N MET A 162 16.36 -2.35 11.11
CA MET A 162 15.27 -3.25 10.74
C MET A 162 14.41 -3.45 11.97
N HIS A 163 13.11 -3.58 11.79
CA HIS A 163 12.12 -3.92 12.86
C HIS A 163 11.05 -4.92 12.37
N SER A 164 10.58 -5.81 13.25
CA SER A 164 9.38 -6.66 13.06
C SER A 164 8.55 -6.75 14.36
N PRO A 176 29.20 2.62 14.40
CA PRO A 176 29.84 3.84 14.94
C PRO A 176 29.64 5.03 13.98
N ARG A 177 29.43 4.73 12.70
CA ARG A 177 28.86 5.74 11.76
C ARG A 177 27.62 6.37 12.38
N VAL A 178 27.45 7.68 12.18
CA VAL A 178 26.16 8.34 12.48
C VAL A 178 25.72 9.04 11.19
N GLY A 179 24.49 9.52 11.19
CA GLY A 179 23.99 10.22 10.01
C GLY A 179 24.79 11.47 9.66
N THR A 180 24.56 11.98 8.48
CA THR A 180 25.14 13.26 8.03
C THR A 180 24.58 14.37 8.89
N LYS A 181 25.43 15.16 9.52
CA LYS A 181 24.98 16.10 10.57
CA LYS A 181 24.99 16.10 10.57
C LYS A 181 24.03 17.17 9.99
N ARG A 182 24.30 17.65 8.79
CA ARG A 182 23.45 18.72 8.18
C ARG A 182 21.98 18.26 8.13
N TYR A 183 21.74 16.95 7.96
CA TYR A 183 20.37 16.43 7.80
C TYR A 183 19.79 15.84 9.08
N MET A 184 20.48 15.93 10.24
CA MET A 184 20.00 15.30 11.48
C MET A 184 18.79 16.05 12.02
N ALA A 185 17.79 15.28 12.42
CA ALA A 185 16.57 15.80 13.04
C ALA A 185 16.88 16.37 14.42
N PRO A 186 16.01 17.25 14.95
CA PRO A 186 16.27 17.85 16.25
C PRO A 186 16.46 16.86 17.39
N GLU A 187 15.69 15.78 17.43
CA GLU A 187 15.79 14.78 18.52
C GLU A 187 17.09 14.01 18.44
N VAL A 188 17.73 13.96 17.29
CA VAL A 188 19.10 13.37 17.17
C VAL A 188 20.09 14.36 17.76
N LEU A 189 19.96 15.62 17.40
CA LEU A 189 20.92 16.68 17.84
C LEU A 189 20.79 16.92 19.35
N ASP A 190 19.60 16.80 19.93
CA ASP A 190 19.41 17.10 21.38
C ASP A 190 19.42 15.78 22.17
N GLU A 191 19.62 14.66 21.48
CA GLU A 191 19.84 13.32 22.11
C GLU A 191 18.62 12.93 22.91
N THR A 192 17.44 13.39 22.54
CA THR A 192 16.16 12.96 23.18
C THR A 192 15.54 11.82 22.41
N ILE A 193 16.01 11.53 21.19
CA ILE A 193 15.40 10.42 20.43
C ILE A 193 15.26 9.19 21.34
N GLN A 194 14.09 8.56 21.26
CA GLN A 194 13.81 7.28 21.96
C GLN A 194 14.44 6.15 21.16
N VAL A 195 15.63 5.72 21.52
CA VAL A 195 16.50 4.83 20.68
C VAL A 195 15.95 3.39 20.63
N ASP A 196 15.04 3.03 21.53
CA ASP A 196 14.42 1.68 21.61
C ASP A 196 13.11 1.67 20.82
N CYS A 197 12.80 2.71 20.05
CA CYS A 197 11.48 2.84 19.44
C CYS A 197 11.63 2.92 17.92
N PHE A 198 11.12 1.95 17.17
CA PHE A 198 11.41 1.92 15.71
C PHE A 198 10.83 3.16 15.05
N ASP A 199 9.64 3.58 15.46
CA ASP A 199 8.93 4.73 14.85
C ASP A 199 9.81 5.97 14.95
N SER A 200 10.67 6.07 15.95
CA SER A 200 11.59 7.21 16.09
C SER A 200 12.46 7.31 14.86
N TYR A 201 12.89 6.18 14.31
CA TYR A 201 13.86 6.22 13.20
C TYR A 201 13.16 6.60 11.91
N LYS A 202 11.92 6.16 11.73
CA LYS A 202 11.12 6.59 10.56
C LYS A 202 10.99 8.10 10.61
N ARG A 203 10.73 8.68 11.78
CA ARG A 203 10.48 10.13 11.89
C ARG A 203 11.77 10.92 11.62
N VAL A 204 12.93 10.37 11.92
CA VAL A 204 14.22 11.00 11.53
C VAL A 204 14.34 10.99 10.02
N ASP A 205 13.92 9.92 9.34
CA ASP A 205 14.00 9.88 7.88
C ASP A 205 13.05 10.93 7.29
N ILE A 206 11.86 11.10 7.87
CA ILE A 206 10.89 12.07 7.33
C ILE A 206 11.44 13.49 7.40
N TRP A 207 12.12 13.84 8.49
CA TRP A 207 12.79 15.15 8.60
C TRP A 207 13.75 15.35 7.46
N ALA A 208 14.60 14.35 7.22
CA ALA A 208 15.59 14.42 6.14
C ALA A 208 14.93 14.49 4.78
N PHE A 209 13.85 13.74 4.57
CA PHE A 209 13.06 13.82 3.34
C PHE A 209 12.58 15.24 3.12
N GLY A 210 12.07 15.90 4.15
CA GLY A 210 11.60 17.27 3.99
C GLY A 210 12.72 18.19 3.50
N LEU A 211 13.95 18.01 4.00
CA LEU A 211 15.10 18.83 3.54
C LEU A 211 15.41 18.55 2.06
N VAL A 212 15.35 17.29 1.65
CA VAL A 212 15.56 16.90 0.24
C VAL A 212 14.44 17.53 -0.62
N LEU A 213 13.21 17.51 -0.13
N LEU A 213 13.19 17.49 -0.16
CA LEU A 213 12.09 18.09 -0.90
CA LEU A 213 12.07 18.15 -0.90
C LEU A 213 12.36 19.59 -1.13
C LEU A 213 12.48 19.59 -1.18
N TRP A 214 12.88 20.29 -0.13
CA TRP A 214 13.29 21.71 -0.26
C TRP A 214 14.40 21.88 -1.27
N GLU A 215 15.41 21.03 -1.27
CA GLU A 215 16.54 21.15 -2.22
C GLU A 215 16.04 21.01 -3.68
N VAL A 216 15.09 20.13 -3.92
CA VAL A 216 14.56 19.86 -5.27
C VAL A 216 13.63 20.99 -5.68
N ALA A 217 12.73 21.39 -4.80
CA ALA A 217 11.69 22.41 -5.11
C ALA A 217 12.36 23.71 -5.52
N ARG A 218 13.47 24.08 -4.89
CA ARG A 218 14.23 25.28 -5.29
C ARG A 218 14.57 25.28 -6.79
N ARG A 219 14.80 24.13 -7.39
CA ARG A 219 15.26 24.03 -8.79
C ARG A 219 14.08 23.90 -9.75
N MET A 220 12.84 23.96 -9.29
CA MET A 220 11.63 23.94 -10.13
C MET A 220 11.36 25.38 -10.60
N VAL A 221 11.27 25.59 -11.91
CA VAL A 221 11.03 26.96 -12.46
C VAL A 221 9.55 27.30 -12.28
N SER A 222 9.27 28.55 -11.88
CA SER A 222 7.90 29.09 -11.95
C SER A 222 8.01 30.55 -12.35
N ASN A 223 7.08 31.02 -13.19
N ASN A 223 7.14 30.95 -13.28
CA ASN A 223 7.09 32.44 -13.67
CA ASN A 223 7.04 32.38 -13.67
C ASN A 223 8.49 32.89 -14.03
C ASN A 223 8.45 32.88 -14.02
N GLY A 224 9.29 32.04 -14.67
CA GLY A 224 10.64 32.39 -15.12
C GLY A 224 11.69 32.53 -14.04
N ILE A 225 11.38 32.10 -12.83
CA ILE A 225 12.28 32.29 -11.66
C ILE A 225 12.68 30.88 -11.20
N VAL A 226 13.92 30.78 -10.75
CA VAL A 226 14.41 29.55 -10.05
C VAL A 226 15.42 29.96 -9.01
N GLU A 227 15.54 29.19 -7.92
CA GLU A 227 16.67 29.42 -7.00
C GLU A 227 17.88 28.60 -7.43
N ASP A 228 19.07 29.10 -7.13
CA ASP A 228 20.34 28.36 -7.28
C ASP A 228 20.29 27.12 -6.36
N TYR A 229 20.97 26.07 -6.75
CA TYR A 229 21.17 24.91 -5.83
C TYR A 229 21.87 25.41 -4.57
N LYS A 230 21.31 25.06 -3.44
CA LYS A 230 21.99 25.18 -2.12
C LYS A 230 21.60 23.99 -1.27
N PRO A 231 22.53 23.55 -0.39
CA PRO A 231 22.21 22.54 0.58
C PRO A 231 21.38 23.12 1.71
N PRO A 232 20.62 22.27 2.42
CA PRO A 232 19.86 22.76 3.56
C PRO A 232 20.79 23.46 4.57
N PHE A 233 20.33 24.61 5.07
CA PHE A 233 20.98 25.41 6.14
C PHE A 233 22.25 26.05 5.61
N TYR A 234 22.38 26.22 4.31
CA TYR A 234 23.58 26.83 3.69
C TYR A 234 23.83 28.22 4.24
N ASP A 235 22.79 28.90 4.71
CA ASP A 235 22.86 30.31 5.14
C ASP A 235 23.11 30.46 6.62
N VAL A 236 23.14 29.35 7.37
CA VAL A 236 23.26 29.48 8.84
C VAL A 236 24.34 28.59 9.45
N VAL A 237 24.96 27.68 8.70
CA VAL A 237 26.04 26.81 9.24
C VAL A 237 27.18 26.81 8.25
N PRO A 238 28.41 26.54 8.72
CA PRO A 238 29.52 26.38 7.81
C PRO A 238 29.50 25.09 6.99
N ASN A 239 30.38 25.02 6.00
CA ASN A 239 30.70 23.72 5.42
C ASN A 239 31.13 22.76 6.52
N ASP A 240 30.78 21.49 6.42
CA ASP A 240 31.13 20.48 7.42
C ASP A 240 30.77 20.98 8.80
N PRO A 241 29.46 21.28 9.00
CA PRO A 241 29.01 21.86 10.25
C PRO A 241 29.23 20.90 11.41
N SER A 242 29.58 21.42 12.57
CA SER A 242 29.70 20.56 13.76
C SER A 242 28.34 20.13 14.26
N PHE A 243 28.32 19.15 15.13
CA PHE A 243 27.13 18.72 15.83
C PHE A 243 26.55 19.91 16.58
N GLU A 244 27.39 20.67 17.29
CA GLU A 244 26.94 21.85 18.06
C GLU A 244 26.35 22.92 17.12
N ASP A 245 27.01 23.17 15.98
CA ASP A 245 26.51 24.17 15.01
C ASP A 245 25.07 23.82 14.65
N MET A 246 24.85 22.55 14.31
CA MET A 246 23.51 22.09 13.92
C MET A 246 22.53 22.17 15.09
N ARG A 247 22.96 21.75 16.29
CA ARG A 247 22.06 21.75 17.45
C ARG A 247 21.57 23.18 17.71
N LYS A 248 22.46 24.16 17.61
CA LYS A 248 22.08 25.55 17.90
CA LYS A 248 22.07 25.54 17.92
C LYS A 248 21.02 26.02 16.90
N VAL A 249 21.20 25.70 15.62
CA VAL A 249 20.26 26.14 14.58
C VAL A 249 18.92 25.43 14.77
N VAL A 250 18.96 24.11 14.81
CA VAL A 250 17.74 23.26 14.67
C VAL A 250 16.99 23.13 15.97
N CYS A 251 17.72 23.04 17.08
CA CYS A 251 17.11 22.75 18.41
C CYS A 251 16.90 24.04 19.20
N VAL A 252 17.94 24.83 19.32
CA VAL A 252 17.90 25.99 20.25
C VAL A 252 17.10 27.11 19.59
N ASP A 253 17.48 27.50 18.40
CA ASP A 253 16.79 28.60 17.65
C ASP A 253 15.58 28.09 16.88
N GLN A 254 15.51 26.78 16.65
CA GLN A 254 14.33 26.15 15.94
C GLN A 254 14.18 26.74 14.53
N GLN A 255 15.28 27.03 13.84
CA GLN A 255 15.26 27.50 12.44
C GLN A 255 14.88 26.33 11.52
N ARG A 256 14.28 26.73 10.41
CA ARG A 256 13.93 25.83 9.31
C ARG A 256 14.28 26.52 8.02
N PRO A 257 14.50 25.75 6.94
CA PRO A 257 14.84 26.35 5.66
C PRO A 257 13.76 27.36 5.22
N ASN A 258 14.21 28.47 4.66
N ASN A 258 14.25 28.46 4.61
CA ASN A 258 13.28 29.54 4.27
CA ASN A 258 13.45 29.59 4.07
C ASN A 258 12.58 29.17 2.96
C ASN A 258 12.56 29.10 2.91
N ILE A 259 11.28 29.45 2.91
CA ILE A 259 10.46 29.25 1.70
C ILE A 259 10.44 30.57 0.95
N PRO A 260 10.97 30.65 -0.29
CA PRO A 260 10.98 31.89 -1.05
C PRO A 260 9.55 32.37 -1.35
N ASN A 261 9.38 33.70 -1.40
CA ASN A 261 8.07 34.27 -1.74
C ASN A 261 7.54 33.75 -3.08
N ARG A 262 8.41 33.61 -4.07
CA ARG A 262 7.95 33.24 -5.43
C ARG A 262 7.23 31.90 -5.42
N TRP A 263 7.49 31.01 -4.45
CA TRP A 263 6.75 29.73 -4.40
C TRP A 263 5.25 29.95 -4.26
N PHE A 264 4.83 31.04 -3.58
CA PHE A 264 3.40 31.22 -3.25
C PHE A 264 2.61 31.73 -4.46
N SER A 265 3.28 32.04 -5.56
CA SER A 265 2.60 32.29 -6.86
C SER A 265 2.33 31.00 -7.62
N ASP A 266 2.87 29.86 -7.19
CA ASP A 266 2.79 28.61 -7.99
C ASP A 266 2.04 27.56 -7.19
N PRO A 267 0.96 26.92 -7.71
CA PRO A 267 0.18 26.02 -6.87
C PRO A 267 1.02 24.82 -6.43
N THR A 268 1.88 24.29 -7.31
CA THR A 268 2.72 23.12 -6.99
C THR A 268 3.67 23.47 -5.84
N LEU A 269 4.39 24.54 -5.98
CA LEU A 269 5.36 24.93 -4.92
C LEU A 269 4.65 25.34 -3.63
N THR A 270 3.44 25.90 -3.71
CA THR A 270 2.67 26.23 -2.50
C THR A 270 2.36 24.91 -1.77
N SER A 271 1.92 23.88 -2.51
CA SER A 271 1.58 22.58 -1.92
C SER A 271 2.85 21.92 -1.36
N LEU A 272 3.97 22.03 -2.07
CA LEU A 272 5.23 21.42 -1.61
C LEU A 272 5.71 22.11 -0.35
N ALA A 273 5.62 23.43 -0.26
CA ALA A 273 6.01 24.18 0.97
C ALA A 273 5.22 23.65 2.18
N LYS A 274 3.90 23.42 2.03
CA LYS A 274 3.08 22.88 3.12
C LYS A 274 3.57 21.49 3.50
N LEU A 275 3.91 20.69 2.50
CA LEU A 275 4.38 19.31 2.78
C LEU A 275 5.68 19.35 3.55
N MET A 276 6.62 20.16 3.14
CA MET A 276 7.92 20.18 3.84
C MET A 276 7.74 20.73 5.27
N LYS A 277 6.86 21.68 5.53
CA LYS A 277 6.54 22.18 6.90
C LYS A 277 6.13 20.99 7.76
N GLU A 278 5.34 20.06 7.20
N GLU A 278 5.33 20.08 7.19
CA GLU A 278 4.75 18.96 8.00
CA GLU A 278 4.71 18.96 7.93
C GLU A 278 5.76 17.82 8.14
C GLU A 278 5.69 17.78 8.03
N CYS A 279 6.92 17.95 7.51
CA CYS A 279 8.06 17.02 7.78
C CYS A 279 8.98 17.59 8.86
N TRP A 280 8.81 18.86 9.22
CA TRP A 280 9.81 19.60 10.04
C TRP A 280 9.31 19.97 11.43
N TYR A 281 8.19 19.44 11.86
CA TYR A 281 7.72 19.70 13.24
C TYR A 281 8.80 19.30 14.25
N GLN A 282 9.00 20.11 15.29
CA GLN A 282 9.88 19.74 16.43
CA GLN A 282 9.90 19.76 16.41
C GLN A 282 9.45 18.42 17.03
N ASN A 283 8.15 18.24 17.24
CA ASN A 283 7.57 17.02 17.82
C ASN A 283 7.57 15.94 16.75
N PRO A 284 8.42 14.91 16.88
CA PRO A 284 8.56 13.90 15.83
C PRO A 284 7.23 13.23 15.49
N SER A 285 6.37 13.00 16.50
CA SER A 285 5.11 12.27 16.26
C SER A 285 4.10 13.14 15.47
N ALA A 286 4.32 14.45 15.29
CA ALA A 286 3.44 15.34 14.49
C ALA A 286 3.77 15.22 13.01
N ARG A 287 4.95 14.68 12.67
CA ARG A 287 5.40 14.68 11.27
C ARG A 287 4.53 13.71 10.45
N LEU A 288 4.37 14.04 9.18
CA LEU A 288 3.66 13.18 8.20
C LEU A 288 4.39 11.84 8.13
N THR A 289 3.69 10.80 7.75
CA THR A 289 4.26 9.49 7.35
C THR A 289 4.61 9.51 5.87
N ALA A 290 5.51 8.59 5.46
CA ALA A 290 5.87 8.47 4.03
C ALA A 290 4.61 8.16 3.19
N LEU A 291 3.74 7.32 3.72
CA LEU A 291 2.49 6.97 2.98
C LEU A 291 1.62 8.20 2.83
N ARG A 292 1.46 9.01 3.89
CA ARG A 292 0.67 10.25 3.72
C ARG A 292 1.35 11.23 2.74
N ILE A 293 2.69 11.35 2.74
CA ILE A 293 3.40 12.20 1.76
C ILE A 293 3.07 11.71 0.33
N LYS A 294 3.15 10.38 0.09
CA LYS A 294 2.80 9.87 -1.24
C LYS A 294 1.40 10.33 -1.64
N LYS A 295 0.42 10.11 -0.76
CA LYS A 295 -0.95 10.45 -1.16
C LYS A 295 -1.01 11.93 -1.50
N THR A 296 -0.44 12.79 -0.65
CA THR A 296 -0.49 14.24 -0.92
C THR A 296 0.13 14.54 -2.26
N LEU A 297 1.27 13.92 -2.60
CA LEU A 297 1.95 14.19 -3.86
C LEU A 297 1.12 13.74 -5.05
N THR A 298 0.38 12.63 -4.93
CA THR A 298 -0.47 12.16 -6.05
C THR A 298 -1.63 13.13 -6.32
N LYS A 299 -2.00 13.97 -5.36
CA LYS A 299 -3.15 14.90 -5.49
C LYS A 299 -2.65 16.27 -5.95
N ILE A 300 -1.34 16.47 -6.03
CA ILE A 300 -0.78 17.77 -6.51
C ILE A 300 -0.70 17.69 -8.02
N ASP A 301 -1.34 18.67 -8.67
CA ASP A 301 -1.45 18.87 -10.14
C ASP A 301 -2.39 17.84 -10.76
N ARG B 8 -23.42 -36.76 12.57
CA ARG B 8 -22.20 -35.88 12.40
C ARG B 8 -21.41 -36.21 11.13
N ASP B 9 -21.54 -37.41 10.55
CA ASP B 9 -20.72 -37.88 9.41
C ASP B 9 -21.06 -37.12 8.14
N ILE B 10 -20.06 -36.91 7.30
CA ILE B 10 -20.21 -36.15 6.02
C ILE B 10 -19.53 -36.94 4.93
N THR B 11 -20.14 -37.01 3.75
CA THR B 11 -19.50 -37.61 2.56
C THR B 11 -19.10 -36.50 1.59
N LEU B 12 -17.82 -36.39 1.25
CA LEU B 12 -17.35 -35.42 0.23
C LEU B 12 -17.64 -35.98 -1.15
N LEU B 13 -18.36 -35.25 -1.99
CA LEU B 13 -18.86 -35.79 -3.28
C LEU B 13 -18.11 -35.16 -4.44
N GLU B 14 -18.00 -33.84 -4.53
CA GLU B 14 -17.24 -33.20 -5.64
C GLU B 14 -16.64 -31.85 -5.24
N CYS B 15 -15.50 -31.56 -5.82
CA CYS B 15 -14.82 -30.27 -5.60
C CYS B 15 -15.47 -29.19 -6.46
N VAL B 16 -15.97 -28.12 -5.85
CA VAL B 16 -16.66 -27.01 -6.58
C VAL B 16 -15.76 -25.77 -6.59
N GLY B 17 -14.54 -25.86 -6.08
CA GLY B 17 -13.61 -24.72 -6.05
C GLY B 17 -12.28 -25.09 -5.43
N LYS B 18 -11.20 -24.58 -6.00
CA LYS B 18 -9.82 -24.90 -5.56
C LYS B 18 -8.99 -23.67 -5.91
N GLY B 19 -8.20 -23.18 -4.96
CA GLY B 19 -7.31 -22.04 -5.18
C GLY B 19 -6.29 -21.96 -4.06
N ARG B 20 -5.64 -20.82 -3.92
CA ARG B 20 -4.69 -20.53 -2.83
C ARG B 20 -5.43 -20.61 -1.48
N TYR B 21 -6.74 -20.31 -1.41
CA TYR B 21 -7.52 -20.37 -0.12
C TYR B 21 -7.52 -21.81 0.43
N GLY B 22 -7.47 -22.81 -0.43
CA GLY B 22 -7.88 -24.16 -0.05
C GLY B 22 -8.85 -24.68 -1.08
N GLU B 23 -9.87 -25.40 -0.67
CA GLU B 23 -10.80 -26.09 -1.59
C GLU B 23 -12.18 -26.01 -0.98
N VAL B 24 -13.22 -25.99 -1.81
CA VAL B 24 -14.58 -26.21 -1.32
C VAL B 24 -15.16 -27.45 -2.00
N TRP B 25 -15.85 -28.25 -1.21
CA TRP B 25 -16.48 -29.52 -1.65
C TRP B 25 -17.96 -29.41 -1.45
N ARG B 26 -18.72 -29.95 -2.40
CA ARG B 26 -20.11 -30.34 -2.13
C ARG B 26 -20.04 -31.67 -1.39
N GLY B 27 -20.68 -31.75 -0.25
CA GLY B 27 -20.76 -33.02 0.49
C GLY B 27 -22.18 -33.33 0.85
N SER B 28 -22.41 -34.55 1.35
CA SER B 28 -23.72 -35.01 1.83
C SER B 28 -23.70 -35.12 3.36
N TRP B 29 -24.70 -34.60 4.04
CA TRP B 29 -24.84 -34.70 5.52
C TRP B 29 -26.31 -34.88 5.88
N GLN B 30 -26.64 -35.99 6.55
CA GLN B 30 -28.03 -36.37 6.90
C GLN B 30 -28.91 -36.08 5.69
N GLY B 31 -28.57 -36.63 4.52
CA GLY B 31 -29.40 -36.58 3.29
C GLY B 31 -29.20 -35.34 2.44
N GLU B 32 -28.70 -34.24 3.02
CA GLU B 32 -28.74 -32.87 2.43
C GLU B 32 -27.34 -32.48 1.92
N ASN B 33 -27.27 -31.68 0.85
CA ASN B 33 -26.00 -31.07 0.39
C ASN B 33 -25.50 -30.12 1.46
N VAL B 34 -24.19 -30.13 1.69
CA VAL B 34 -23.54 -29.10 2.54
C VAL B 34 -22.29 -28.70 1.79
N ALA B 35 -21.74 -27.55 2.15
CA ALA B 35 -20.46 -27.09 1.60
C ALA B 35 -19.37 -27.32 2.66
N VAL B 36 -18.27 -27.90 2.24
CA VAL B 36 -17.12 -28.17 3.14
C VAL B 36 -15.92 -27.45 2.58
N LYS B 37 -15.47 -26.43 3.29
CA LYS B 37 -14.24 -25.71 2.92
C LYS B 37 -13.07 -26.29 3.74
N ILE B 38 -12.01 -26.63 3.05
CA ILE B 38 -10.76 -27.15 3.64
C ILE B 38 -9.72 -26.08 3.38
N PHE B 39 -9.25 -25.42 4.43
CA PHE B 39 -8.38 -24.27 4.29
C PHE B 39 -6.96 -24.71 4.02
N SER B 40 -6.22 -23.90 3.27
CA SER B 40 -4.76 -24.08 3.13
C SER B 40 -4.09 -23.70 4.44
N SER B 41 -2.99 -24.35 4.84
CA SER B 41 -2.33 -23.92 6.11
C SER B 41 -1.85 -22.47 5.96
N ARG B 42 -1.69 -22.00 4.76
CA ARG B 42 -1.28 -20.60 4.48
C ARG B 42 -2.37 -19.63 4.98
N ASP B 43 -3.60 -20.11 5.15
CA ASP B 43 -4.73 -19.23 5.50
C ASP B 43 -5.36 -19.65 6.86
N GLU B 44 -4.57 -20.24 7.73
CA GLU B 44 -5.08 -20.76 9.02
C GLU B 44 -5.69 -19.62 9.83
N LYS B 45 -5.21 -18.38 9.71
CA LYS B 45 -5.75 -17.27 10.51
C LYS B 45 -7.17 -16.90 10.03
N SER B 46 -7.48 -17.11 8.76
CA SER B 46 -8.85 -16.88 8.27
C SER B 46 -9.77 -17.93 8.86
N TRP B 47 -9.36 -19.18 8.93
CA TRP B 47 -10.20 -20.22 9.53
C TRP B 47 -10.59 -19.81 10.96
N PHE B 48 -9.62 -19.43 11.76
CA PHE B 48 -9.87 -19.11 13.18
C PHE B 48 -10.79 -17.91 13.28
N ARG B 49 -10.58 -16.88 12.45
CA ARG B 49 -11.37 -15.66 12.48
C ARG B 49 -12.82 -15.98 12.11
N GLU B 50 -13.00 -16.76 11.05
CA GLU B 50 -14.35 -17.13 10.60
C GLU B 50 -15.04 -17.88 11.71
N THR B 51 -14.30 -18.72 12.44
CA THR B 51 -14.86 -19.48 13.57
C THR B 51 -15.25 -18.52 14.70
N GLU B 52 -14.43 -17.53 15.04
CA GLU B 52 -14.82 -16.50 16.06
C GLU B 52 -16.13 -15.85 15.60
N LEU B 53 -16.25 -15.51 14.32
CA LEU B 53 -17.45 -14.77 13.85
C LEU B 53 -18.70 -15.64 13.97
N TYR B 54 -18.61 -16.89 13.55
CA TYR B 54 -19.77 -17.78 13.51
C TYR B 54 -20.13 -18.30 14.90
N ASN B 55 -19.30 -18.06 15.93
CA ASN B 55 -19.71 -18.32 17.32
C ASN B 55 -20.96 -17.51 17.69
N THR B 56 -21.20 -16.39 17.02
CA THR B 56 -22.28 -15.44 17.39
C THR B 56 -23.62 -15.97 16.91
N VAL B 57 -24.49 -16.47 17.80
CA VAL B 57 -25.82 -17.00 17.37
C VAL B 57 -26.60 -15.90 16.62
N MET B 58 -26.56 -14.63 17.04
CA MET B 58 -27.43 -13.60 16.37
C MET B 58 -26.82 -13.08 15.06
N LEU B 59 -25.70 -13.66 14.59
CA LEU B 59 -25.23 -13.41 13.20
C LEU B 59 -26.19 -14.06 12.20
N ARG B 60 -26.88 -15.15 12.54
CA ARG B 60 -27.76 -15.90 11.62
C ARG B 60 -28.71 -14.92 10.91
N HIS B 61 -28.81 -15.05 9.59
CA HIS B 61 -29.59 -14.12 8.77
C HIS B 61 -29.77 -14.73 7.40
N GLU B 62 -30.92 -14.45 6.80
CA GLU B 62 -31.20 -15.01 5.45
C GLU B 62 -30.16 -14.58 4.42
N ASN B 63 -29.48 -13.46 4.61
CA ASN B 63 -28.51 -12.95 3.62
C ASN B 63 -27.07 -13.11 4.13
N ILE B 64 -26.80 -14.03 5.05
CA ILE B 64 -25.43 -14.43 5.50
C ILE B 64 -25.34 -15.94 5.34
N LEU B 65 -24.30 -16.42 4.71
CA LEU B 65 -24.08 -17.86 4.50
C LEU B 65 -24.27 -18.62 5.82
N GLY B 66 -25.17 -19.59 5.83
CA GLY B 66 -25.53 -20.37 7.03
C GLY B 66 -24.42 -21.30 7.49
N PHE B 67 -24.10 -21.20 8.77
CA PHE B 67 -23.04 -21.97 9.43
C PHE B 67 -23.58 -23.28 10.02
N ILE B 68 -22.87 -24.35 9.80
CA ILE B 68 -23.16 -25.67 10.40
C ILE B 68 -22.08 -26.05 11.41
N ALA B 69 -20.80 -26.04 11.03
CA ALA B 69 -19.76 -26.48 11.98
C ALA B 69 -18.41 -25.96 11.53
N SER B 70 -17.47 -25.92 12.48
CA SER B 70 -16.05 -25.60 12.22
C SER B 70 -15.21 -26.63 12.99
N ASP B 71 -14.19 -27.15 12.36
CA ASP B 71 -13.31 -28.14 13.03
C ASP B 71 -11.88 -27.84 12.70
N MET B 72 -11.03 -28.02 13.71
CA MET B 72 -9.60 -28.19 13.51
C MET B 72 -9.24 -29.61 13.97
N THR B 73 -8.60 -30.38 13.11
CA THR B 73 -8.27 -31.80 13.38
C THR B 73 -6.78 -31.98 13.18
N SER B 74 -6.17 -32.83 14.00
CA SER B 74 -4.71 -33.07 13.82
C SER B 74 -4.32 -34.44 14.34
N ARG B 75 -3.37 -35.04 13.62
CA ARG B 75 -2.61 -36.20 14.12
C ARG B 75 -1.18 -35.97 13.73
N HIS B 76 -0.24 -36.22 14.63
CA HIS B 76 1.18 -35.96 14.36
C HIS B 76 1.34 -34.50 13.93
N SER B 77 2.04 -34.19 12.86
CA SER B 77 2.32 -32.80 12.51
C SER B 77 1.33 -32.26 11.49
N SER B 78 0.31 -32.99 11.08
CA SER B 78 -0.61 -32.55 10.03
C SER B 78 -1.86 -31.97 10.72
N THR B 79 -2.32 -30.81 10.26
CA THR B 79 -3.57 -30.20 10.75
C THR B 79 -4.50 -29.96 9.57
N GLN B 80 -5.77 -30.28 9.75
CA GLN B 80 -6.80 -29.90 8.78
C GLN B 80 -7.74 -28.91 9.44
N LEU B 81 -8.18 -27.96 8.61
CA LEU B 81 -9.07 -26.88 9.04
C LEU B 81 -10.31 -26.88 8.16
N TRP B 82 -11.45 -27.14 8.77
CA TRP B 82 -12.73 -27.35 8.09
C TRP B 82 -13.75 -26.30 8.46
N LEU B 83 -14.51 -25.80 7.49
CA LEU B 83 -15.71 -25.00 7.75
C LEU B 83 -16.86 -25.64 6.99
N ILE B 84 -17.96 -25.92 7.65
CA ILE B 84 -19.13 -26.60 7.02
C ILE B 84 -20.29 -25.63 7.04
N THR B 85 -20.86 -25.34 5.85
CA THR B 85 -21.94 -24.34 5.69
C THR B 85 -23.09 -24.97 4.89
N HIS B 86 -24.14 -24.19 4.76
CA HIS B 86 -25.16 -24.44 3.72
C HIS B 86 -24.50 -24.47 2.34
N TYR B 87 -25.12 -25.22 1.42
CA TYR B 87 -24.63 -25.38 0.03
C TYR B 87 -25.65 -24.69 -0.87
N HIS B 88 -25.21 -23.76 -1.69
CA HIS B 88 -26.06 -23.04 -2.68
C HIS B 88 -25.66 -23.51 -4.08
N GLU B 89 -26.51 -24.39 -4.68
CA GLU B 89 -26.26 -25.11 -5.95
C GLU B 89 -26.01 -24.15 -7.12
N MET B 90 -26.60 -22.94 -7.06
CA MET B 90 -26.42 -21.96 -8.14
C MET B 90 -25.05 -21.31 -8.06
N GLY B 91 -24.32 -21.51 -6.96
CA GLY B 91 -22.96 -20.99 -6.92
C GLY B 91 -22.91 -19.49 -6.56
N SER B 92 -21.80 -18.84 -6.91
CA SER B 92 -21.58 -17.44 -6.52
C SER B 92 -22.27 -16.51 -7.51
N LEU B 93 -22.51 -15.29 -7.06
CA LEU B 93 -23.01 -14.22 -7.97
C LEU B 93 -22.10 -14.06 -9.16
N TYR B 94 -20.79 -14.15 -8.97
CA TYR B 94 -19.82 -14.05 -10.06
C TYR B 94 -20.13 -15.14 -11.11
N ASP B 95 -20.35 -16.36 -10.63
CA ASP B 95 -20.69 -17.46 -11.56
C ASP B 95 -22.01 -17.15 -12.26
N TYR B 96 -23.01 -16.74 -11.51
CA TYR B 96 -24.38 -16.56 -12.02
C TYR B 96 -24.38 -15.52 -13.14
N LEU B 97 -23.71 -14.40 -12.91
CA LEU B 97 -23.76 -13.26 -13.85
C LEU B 97 -23.03 -13.59 -15.15
N GLN B 98 -22.22 -14.64 -15.19
CA GLN B 98 -21.35 -14.93 -16.36
C GLN B 98 -22.23 -15.16 -17.56
N LEU B 99 -23.30 -15.91 -17.36
CA LEU B 99 -24.12 -16.34 -18.53
C LEU B 99 -25.63 -16.16 -18.31
N THR B 100 -26.12 -15.40 -17.33
CA THR B 100 -27.54 -15.03 -17.18
CA THR B 100 -27.56 -15.01 -17.33
C THR B 100 -27.65 -13.51 -17.25
N THR B 101 -28.66 -12.99 -17.93
CA THR B 101 -29.07 -11.58 -17.82
C THR B 101 -30.24 -11.46 -16.86
N LEU B 102 -30.48 -10.25 -16.41
CA LEU B 102 -31.47 -9.93 -15.36
C LEU B 102 -32.56 -9.02 -15.89
N ASP B 103 -33.77 -9.18 -15.39
CA ASP B 103 -34.80 -8.15 -15.54
C ASP B 103 -34.75 -7.25 -14.32
N THR B 104 -35.52 -6.20 -14.35
CA THR B 104 -35.53 -5.16 -13.29
C THR B 104 -35.77 -5.82 -11.94
N VAL B 105 -36.85 -6.59 -11.85
CA VAL B 105 -37.23 -7.27 -10.59
C VAL B 105 -36.09 -8.12 -10.06
N SER B 106 -35.42 -8.88 -10.89
N SER B 106 -35.43 -8.90 -10.91
CA SER B 106 -34.35 -9.80 -10.42
CA SER B 106 -34.35 -9.84 -10.50
C SER B 106 -33.12 -8.97 -10.04
C SER B 106 -33.07 -9.08 -10.15
N CYS B 107 -32.79 -7.96 -10.83
CA CYS B 107 -31.62 -7.10 -10.50
C CYS B 107 -31.84 -6.47 -9.12
N LEU B 108 -33.00 -5.88 -8.86
CA LEU B 108 -33.24 -5.19 -7.57
C LEU B 108 -33.31 -6.22 -6.43
N ARG B 109 -33.86 -7.39 -6.68
CA ARG B 109 -33.93 -8.44 -5.62
C ARG B 109 -32.51 -8.82 -5.20
N ILE B 110 -31.64 -9.03 -6.18
CA ILE B 110 -30.23 -9.39 -5.88
C ILE B 110 -29.61 -8.26 -5.05
N VAL B 111 -29.61 -7.03 -5.55
CA VAL B 111 -28.81 -5.98 -4.88
C VAL B 111 -29.43 -5.59 -3.52
N LEU B 112 -30.76 -5.62 -3.39
CA LEU B 112 -31.36 -5.35 -2.08
C LEU B 112 -30.99 -6.45 -1.10
N SER B 113 -30.93 -7.71 -1.55
CA SER B 113 -30.60 -8.82 -0.61
C SER B 113 -29.15 -8.62 -0.10
N ILE B 114 -28.25 -8.17 -0.96
CA ILE B 114 -26.85 -7.99 -0.54
C ILE B 114 -26.78 -6.79 0.43
N ALA B 115 -27.51 -5.72 0.14
CA ALA B 115 -27.57 -4.56 1.02
C ALA B 115 -28.16 -4.96 2.37
N SER B 116 -29.15 -5.84 2.38
N SER B 116 -29.14 -5.84 2.36
CA SER B 116 -29.77 -6.30 3.65
CA SER B 116 -29.79 -6.33 3.60
C SER B 116 -28.75 -7.09 4.46
C SER B 116 -28.77 -7.10 4.44
N GLY B 117 -27.98 -7.97 3.81
CA GLY B 117 -26.93 -8.69 4.52
C GLY B 117 -25.87 -7.76 5.04
N LEU B 118 -25.52 -6.75 4.28
CA LEU B 118 -24.40 -5.89 4.69
C LEU B 118 -24.87 -5.00 5.82
N ALA B 119 -26.09 -4.49 5.77
CA ALA B 119 -26.62 -3.65 6.86
C ALA B 119 -26.72 -4.50 8.13
N HIS B 120 -27.14 -5.75 8.01
CA HIS B 120 -27.17 -6.71 9.12
C HIS B 120 -25.78 -6.85 9.72
N LEU B 121 -24.76 -7.05 8.88
CA LEU B 121 -23.39 -7.08 9.43
C LEU B 121 -23.07 -5.78 10.16
N HIS B 122 -23.23 -4.64 9.52
CA HIS B 122 -22.68 -3.38 10.02
C HIS B 122 -23.39 -2.95 11.31
N ILE B 123 -24.66 -3.33 11.49
CA ILE B 123 -25.46 -2.75 12.61
C ILE B 123 -25.36 -3.69 13.81
N GLU B 124 -24.97 -3.16 14.97
CA GLU B 124 -24.89 -3.94 16.22
C GLU B 124 -26.29 -4.34 16.70
N ILE B 125 -26.41 -5.53 17.27
CA ILE B 125 -27.63 -6.04 18.00
C ILE B 125 -27.22 -6.16 19.48
N PHE B 126 -28.01 -5.54 20.36
CA PHE B 126 -27.70 -5.43 21.80
C PHE B 126 -28.47 -6.49 22.60
N GLY B 130 -26.42 -11.17 21.70
CA GLY B 130 -26.33 -10.03 20.76
C GLY B 130 -25.38 -10.30 19.60
N LYS B 131 -25.08 -9.30 18.79
CA LYS B 131 -24.11 -9.44 17.69
C LYS B 131 -23.39 -8.10 17.61
N PRO B 132 -22.05 -8.14 17.61
CA PRO B 132 -21.29 -6.90 17.43
C PRO B 132 -21.55 -6.31 16.06
N ALA B 133 -21.25 -5.03 15.88
CA ALA B 133 -21.10 -4.45 14.52
C ALA B 133 -19.95 -5.22 13.85
N ILE B 134 -20.10 -5.55 12.56
CA ILE B 134 -19.11 -6.35 11.82
C ILE B 134 -18.86 -5.66 10.48
N ALA B 135 -17.61 -5.47 10.11
CA ALA B 135 -17.18 -5.06 8.76
C ALA B 135 -16.49 -6.26 8.10
N HIS B 136 -16.86 -6.55 6.86
CA HIS B 136 -16.48 -7.77 6.15
C HIS B 136 -15.01 -7.76 5.68
N ARG B 137 -14.66 -6.73 4.94
CA ARG B 137 -13.31 -6.38 4.43
C ARG B 137 -12.94 -7.18 3.18
N ASP B 138 -13.76 -8.07 2.69
CA ASP B 138 -13.44 -8.76 1.41
C ASP B 138 -14.74 -8.98 0.61
N LEU B 139 -15.60 -7.97 0.51
CA LEU B 139 -16.87 -8.12 -0.24
C LEU B 139 -16.53 -8.13 -1.72
N LYS B 140 -17.06 -9.10 -2.45
CA LYS B 140 -16.89 -9.20 -3.91
C LYS B 140 -17.90 -10.21 -4.41
N SER B 141 -18.07 -10.31 -5.75
CA SER B 141 -19.15 -11.15 -6.30
C SER B 141 -18.83 -12.65 -6.09
N LYS B 142 -17.58 -13.06 -5.93
CA LYS B 142 -17.26 -14.48 -5.61
C LYS B 142 -17.61 -14.81 -4.16
N ASN B 143 -17.75 -13.79 -3.30
CA ASN B 143 -18.08 -14.00 -1.86
C ASN B 143 -19.56 -13.79 -1.58
N ILE B 144 -20.37 -13.82 -2.62
CA ILE B 144 -21.85 -13.75 -2.53
C ILE B 144 -22.39 -14.99 -3.22
N LEU B 145 -23.28 -15.70 -2.55
CA LEU B 145 -23.93 -16.89 -3.15
C LEU B 145 -25.38 -16.57 -3.51
N VAL B 146 -25.83 -17.20 -4.59
CA VAL B 146 -27.21 -17.04 -5.11
C VAL B 146 -28.04 -18.21 -4.62
N LYS B 147 -29.18 -17.87 -4.02
CA LYS B 147 -30.10 -18.86 -3.43
C LYS B 147 -31.28 -19.05 -4.41
N LYS B 148 -31.94 -20.17 -4.25
CA LYS B 148 -33.07 -20.54 -5.17
C LYS B 148 -34.24 -19.55 -5.10
N ASN B 149 -34.40 -18.73 -4.04
CA ASN B 149 -35.43 -17.64 -3.95
C ASN B 149 -35.03 -16.32 -4.65
N GLY B 150 -33.85 -16.27 -5.25
CA GLY B 150 -33.44 -15.11 -6.06
C GLY B 150 -32.73 -14.07 -5.21
N GLN B 151 -32.71 -14.33 -3.94
CA GLN B 151 -31.85 -13.55 -3.02
C GLN B 151 -30.48 -14.19 -2.87
N CYS B 152 -29.59 -13.39 -2.33
CA CYS B 152 -28.17 -13.75 -2.21
C CYS B 152 -27.79 -13.78 -0.74
N CYS B 153 -26.67 -14.40 -0.44
CA CYS B 153 -26.11 -14.36 0.91
C CYS B 153 -24.62 -14.11 0.83
N ILE B 154 -24.14 -13.38 1.83
CA ILE B 154 -22.70 -13.00 1.94
C ILE B 154 -21.91 -14.06 2.67
N ALA B 155 -20.74 -14.38 2.14
CA ALA B 155 -19.85 -15.44 2.63
C ALA B 155 -18.47 -14.89 2.91
N ASP B 156 -17.72 -15.68 3.65
CA ASP B 156 -16.27 -15.50 3.94
C ASP B 156 -16.09 -14.36 4.95
N LEU B 157 -16.11 -14.75 6.21
CA LEU B 157 -15.93 -13.80 7.31
C LEU B 157 -14.54 -13.94 7.90
N GLY B 158 -13.60 -14.48 7.14
CA GLY B 158 -12.23 -14.66 7.66
C GLY B 158 -11.41 -13.38 7.83
N LEU B 159 -11.82 -12.24 7.30
CA LEU B 159 -11.09 -10.96 7.42
C LEU B 159 -11.89 -9.98 8.28
N ALA B 160 -13.03 -10.41 8.85
CA ALA B 160 -13.97 -9.45 9.48
C ALA B 160 -13.36 -8.76 10.71
N VAL B 161 -13.86 -7.57 10.94
CA VAL B 161 -13.55 -6.73 12.14
C VAL B 161 -14.85 -6.59 12.91
N MET B 162 -14.72 -6.66 14.24
CA MET B 162 -15.91 -6.55 15.11
C MET B 162 -15.79 -5.32 16.01
N HIS B 163 -16.92 -4.69 16.30
CA HIS B 163 -16.93 -3.51 17.17
C HIS B 163 -18.15 -3.55 18.08
N SER B 164 -17.95 -3.14 19.32
CA SER B 164 -19.07 -3.05 20.31
C SER B 164 -19.13 -1.59 20.77
N GLN B 165 -20.17 -0.84 20.44
CA GLN B 165 -20.22 0.57 20.90
C GLN B 165 -20.52 0.57 22.41
N SER B 166 -21.14 -0.47 22.95
CA SER B 166 -21.49 -0.51 24.40
C SER B 166 -20.23 -0.50 25.26
N THR B 167 -19.14 -1.10 24.78
CA THR B 167 -17.92 -1.27 25.57
C THR B 167 -16.77 -0.55 24.92
N ASN B 168 -16.99 0.09 23.76
CA ASN B 168 -15.92 0.83 23.07
C ASN B 168 -14.76 -0.14 22.79
N GLN B 169 -15.08 -1.32 22.27
CA GLN B 169 -14.05 -2.32 21.96
C GLN B 169 -14.05 -2.60 20.45
N LEU B 170 -12.88 -2.46 19.86
CA LEU B 170 -12.63 -2.80 18.45
C LEU B 170 -11.76 -4.04 18.40
N ASP B 171 -12.22 -5.07 17.70
CA ASP B 171 -11.47 -6.32 17.57
C ASP B 171 -11.09 -6.48 16.09
N VAL B 172 -9.85 -6.15 15.71
CA VAL B 172 -9.39 -6.19 14.29
C VAL B 172 -8.81 -7.56 13.96
N GLY B 173 -8.69 -8.43 14.95
CA GLY B 173 -8.12 -9.77 14.73
C GLY B 173 -6.64 -9.68 14.44
N ASN B 174 -6.11 -10.81 14.03
CA ASN B 174 -4.69 -11.09 13.79
C ASN B 174 -4.67 -11.86 12.49
N ASN B 175 -4.79 -11.19 11.37
CA ASN B 175 -4.77 -11.92 10.08
C ASN B 175 -4.02 -11.03 9.13
N PRO B 176 -2.88 -11.49 8.59
CA PRO B 176 -2.10 -10.70 7.63
C PRO B 176 -2.68 -10.69 6.22
N ARG B 177 -3.71 -11.52 6.01
CA ARG B 177 -4.49 -11.49 4.75
C ARG B 177 -4.96 -10.07 4.51
N VAL B 178 -5.00 -9.67 3.24
CA VAL B 178 -5.63 -8.39 2.83
C VAL B 178 -6.75 -8.71 1.83
N GLY B 179 -7.58 -7.72 1.61
CA GLY B 179 -8.71 -7.88 0.70
C GLY B 179 -8.31 -8.21 -0.73
N THR B 180 -9.26 -8.66 -1.52
CA THR B 180 -9.05 -8.92 -2.95
C THR B 180 -8.63 -7.62 -3.63
N LYS B 181 -7.53 -7.65 -4.37
CA LYS B 181 -6.90 -6.37 -4.81
C LYS B 181 -7.86 -5.55 -5.66
N ARG B 182 -8.54 -6.19 -6.59
CA ARG B 182 -9.45 -5.51 -7.52
C ARG B 182 -10.51 -4.67 -6.82
N TYR B 183 -10.93 -5.07 -5.62
CA TYR B 183 -12.05 -4.43 -4.90
C TYR B 183 -11.58 -3.48 -3.77
N MET B 184 -10.28 -3.28 -3.62
CA MET B 184 -9.75 -2.46 -2.52
C MET B 184 -10.06 -1.00 -2.74
N ALA B 185 -10.57 -0.32 -1.69
CA ALA B 185 -10.84 1.13 -1.68
C ALA B 185 -9.55 1.93 -1.81
N PRO B 186 -9.65 3.18 -2.25
CA PRO B 186 -8.45 4.02 -2.39
C PRO B 186 -7.61 4.06 -1.09
N GLU B 187 -8.24 4.17 0.09
CA GLU B 187 -7.51 4.32 1.38
C GLU B 187 -6.85 3.00 1.77
N VAL B 188 -7.29 1.87 1.20
CA VAL B 188 -6.65 0.56 1.40
C VAL B 188 -5.43 0.50 0.46
N LEU B 189 -5.60 0.94 -0.78
CA LEU B 189 -4.52 0.85 -1.78
C LEU B 189 -3.41 1.84 -1.44
N ASP B 190 -3.73 2.98 -0.87
CA ASP B 190 -2.67 3.98 -0.55
C ASP B 190 -2.26 3.81 0.91
N GLU B 191 -2.89 2.87 1.64
CA GLU B 191 -2.50 2.48 3.01
C GLU B 191 -2.62 3.67 3.96
N THR B 192 -3.48 4.63 3.72
CA THR B 192 -3.74 5.74 4.66
C THR B 192 -4.95 5.43 5.55
N ILE B 193 -5.70 4.35 5.29
CA ILE B 193 -6.84 3.95 6.15
C ILE B 193 -6.45 3.99 7.63
N GLN B 194 -7.37 4.52 8.44
CA GLN B 194 -7.20 4.72 9.89
C GLN B 194 -7.53 3.38 10.53
N VAL B 195 -6.53 2.60 10.92
CA VAL B 195 -6.70 1.18 11.31
C VAL B 195 -7.41 0.97 12.65
N ASP B 196 -7.56 2.01 13.46
CA ASP B 196 -8.17 1.82 14.81
C ASP B 196 -9.54 2.48 14.79
N CYS B 197 -10.12 2.66 13.60
CA CYS B 197 -11.40 3.38 13.44
C CYS B 197 -12.43 2.43 12.79
N PHE B 198 -13.42 1.97 13.53
CA PHE B 198 -14.36 0.97 12.95
C PHE B 198 -15.05 1.52 11.71
N ASP B 199 -15.47 2.77 11.74
CA ASP B 199 -16.16 3.41 10.60
C ASP B 199 -15.29 3.24 9.34
N SER B 200 -13.98 3.33 9.44
CA SER B 200 -13.08 3.17 8.27
C SER B 200 -13.36 1.82 7.61
N TYR B 201 -13.53 0.74 8.37
CA TYR B 201 -13.73 -0.58 7.74
C TYR B 201 -15.11 -0.67 7.09
N LYS B 202 -16.12 -0.08 7.74
CA LYS B 202 -17.47 -0.09 7.11
C LYS B 202 -17.37 0.62 5.74
N ARG B 203 -16.64 1.71 5.66
CA ARG B 203 -16.53 2.52 4.42
C ARG B 203 -15.80 1.72 3.31
N VAL B 204 -14.89 0.84 3.68
CA VAL B 204 -14.23 -0.05 2.72
C VAL B 204 -15.28 -0.99 2.12
N ASP B 205 -16.13 -1.56 2.97
CA ASP B 205 -17.22 -2.44 2.50
C ASP B 205 -18.12 -1.68 1.50
N ILE B 206 -18.43 -0.42 1.80
CA ILE B 206 -19.32 0.38 0.93
C ILE B 206 -18.74 0.56 -0.46
N TRP B 207 -17.44 0.85 -0.53
CA TRP B 207 -16.74 0.94 -1.82
C TRP B 207 -16.94 -0.36 -2.59
N ALA B 208 -16.64 -1.48 -1.94
CA ALA B 208 -16.69 -2.79 -2.62
C ALA B 208 -18.12 -3.10 -3.02
N PHE B 209 -19.09 -2.73 -2.18
CA PHE B 209 -20.50 -2.98 -2.55
CA PHE B 209 -20.54 -2.91 -2.50
C PHE B 209 -20.83 -2.16 -3.81
N GLY B 210 -20.36 -0.94 -3.93
CA GLY B 210 -20.58 -0.17 -5.17
C GLY B 210 -20.05 -0.90 -6.37
N LEU B 211 -18.88 -1.49 -6.26
CA LEU B 211 -18.34 -2.27 -7.39
C LEU B 211 -19.28 -3.44 -7.71
N VAL B 212 -19.75 -4.19 -6.71
CA VAL B 212 -20.66 -5.33 -6.95
C VAL B 212 -21.97 -4.82 -7.58
N LEU B 213 -22.50 -3.69 -7.12
N LEU B 213 -22.44 -3.68 -7.13
CA LEU B 213 -23.71 -3.08 -7.76
CA LEU B 213 -23.69 -3.11 -7.70
C LEU B 213 -23.44 -2.89 -9.26
C LEU B 213 -23.49 -2.76 -9.18
N TRP B 214 -22.30 -2.30 -9.60
CA TRP B 214 -21.92 -2.09 -11.01
C TRP B 214 -21.89 -3.42 -11.76
N GLU B 215 -21.28 -4.47 -11.17
CA GLU B 215 -21.16 -5.76 -11.89
C GLU B 215 -22.55 -6.29 -12.21
N VAL B 216 -23.47 -6.18 -11.25
CA VAL B 216 -24.85 -6.67 -11.38
C VAL B 216 -25.62 -5.85 -12.43
N ALA B 217 -25.61 -4.53 -12.28
CA ALA B 217 -26.41 -3.62 -13.13
C ALA B 217 -26.03 -3.80 -14.57
N ARG B 218 -24.77 -4.06 -14.89
CA ARG B 218 -24.33 -4.32 -16.27
C ARG B 218 -25.15 -5.43 -16.91
N ARG B 219 -25.60 -6.40 -16.13
CA ARG B 219 -26.31 -7.60 -16.61
C ARG B 219 -27.82 -7.41 -16.63
N MET B 220 -28.31 -6.25 -16.26
CA MET B 220 -29.76 -5.99 -16.29
C MET B 220 -30.10 -5.44 -17.68
N VAL B 221 -31.04 -6.09 -18.38
CA VAL B 221 -31.41 -5.64 -19.75
C VAL B 221 -32.26 -4.35 -19.64
N SER B 222 -31.98 -3.40 -20.53
CA SER B 222 -32.90 -2.25 -20.75
C SER B 222 -32.94 -1.97 -22.24
N ASN B 223 -34.16 -1.77 -22.75
CA ASN B 223 -34.33 -1.35 -24.16
C ASN B 223 -33.61 -2.34 -25.09
N GLY B 224 -33.60 -3.64 -24.76
CA GLY B 224 -32.93 -4.68 -25.56
C GLY B 224 -31.41 -4.66 -25.53
N ILE B 225 -30.79 -3.92 -24.60
CA ILE B 225 -29.29 -3.78 -24.56
C ILE B 225 -28.87 -4.36 -23.19
N VAL B 226 -27.74 -5.03 -23.18
CA VAL B 226 -27.11 -5.45 -21.90
C VAL B 226 -25.60 -5.43 -22.13
N GLU B 227 -24.81 -5.24 -21.08
CA GLU B 227 -23.35 -5.43 -21.21
C GLU B 227 -22.97 -6.87 -20.89
N ASP B 228 -21.84 -7.32 -21.45
CA ASP B 228 -21.24 -8.60 -21.06
C ASP B 228 -20.75 -8.46 -19.61
N TYR B 229 -20.69 -9.59 -18.91
CA TYR B 229 -20.06 -9.65 -17.59
C TYR B 229 -18.62 -9.19 -17.74
N LYS B 230 -18.23 -8.25 -16.89
CA LYS B 230 -16.80 -7.92 -16.66
C LYS B 230 -16.58 -7.65 -15.17
N PRO B 231 -15.38 -7.96 -14.67
CA PRO B 231 -15.03 -7.59 -13.30
C PRO B 231 -14.68 -6.11 -13.26
N PRO B 232 -14.74 -5.49 -12.06
CA PRO B 232 -14.34 -4.09 -11.91
C PRO B 232 -12.91 -3.84 -12.41
N PHE B 233 -12.77 -2.76 -13.17
CA PHE B 233 -11.47 -2.25 -13.71
C PHE B 233 -10.89 -3.21 -14.75
N TYR B 234 -11.72 -4.04 -15.39
CA TYR B 234 -11.27 -5.03 -16.40
C TYR B 234 -10.49 -4.31 -17.51
N ASP B 235 -10.84 -3.08 -17.82
CA ASP B 235 -10.31 -2.37 -19.02
C ASP B 235 -8.98 -1.66 -18.77
N VAL B 236 -8.58 -1.48 -17.51
CA VAL B 236 -7.49 -0.53 -17.14
C VAL B 236 -6.33 -1.21 -16.45
N VAL B 237 -6.47 -2.43 -15.98
CA VAL B 237 -5.35 -3.14 -15.31
C VAL B 237 -5.01 -4.41 -16.05
N PRO B 238 -3.78 -4.92 -15.85
CA PRO B 238 -3.39 -6.21 -16.37
C PRO B 238 -4.25 -7.33 -15.80
N ASN B 239 -4.27 -8.46 -16.53
CA ASN B 239 -4.80 -9.69 -15.92
C ASN B 239 -4.09 -9.95 -14.59
N ASP B 240 -4.82 -10.47 -13.62
CA ASP B 240 -4.24 -10.86 -12.33
C ASP B 240 -3.55 -9.64 -11.75
N PRO B 241 -4.27 -8.51 -11.59
CA PRO B 241 -3.63 -7.27 -11.17
C PRO B 241 -2.97 -7.34 -9.79
N SER B 242 -1.83 -6.70 -9.69
CA SER B 242 -1.12 -6.51 -8.42
C SER B 242 -1.78 -5.40 -7.60
N PHE B 243 -1.38 -5.35 -6.34
CA PHE B 243 -1.67 -4.22 -5.44
C PHE B 243 -1.29 -2.92 -6.12
N GLU B 244 -0.05 -2.80 -6.64
CA GLU B 244 0.39 -1.54 -7.24
C GLU B 244 -0.38 -1.24 -8.54
N ASP B 245 -0.76 -2.26 -9.30
CA ASP B 245 -1.59 -2.07 -10.51
C ASP B 245 -2.89 -1.36 -10.13
N MET B 246 -3.50 -1.86 -9.07
CA MET B 246 -4.78 -1.29 -8.60
C MET B 246 -4.57 0.11 -8.01
N ARG B 247 -3.50 0.29 -7.24
CA ARG B 247 -3.20 1.61 -6.67
C ARG B 247 -3.04 2.63 -7.81
N LYS B 248 -2.41 2.23 -8.92
CA LYS B 248 -2.23 3.14 -10.04
C LYS B 248 -3.58 3.63 -10.53
N VAL B 249 -4.49 2.72 -10.84
CA VAL B 249 -5.73 3.16 -11.50
C VAL B 249 -6.65 3.86 -10.51
N VAL B 250 -6.77 3.37 -9.29
CA VAL B 250 -7.72 3.94 -8.31
C VAL B 250 -7.18 5.22 -7.68
N CYS B 251 -5.93 5.21 -7.25
CA CYS B 251 -5.38 6.32 -6.45
C CYS B 251 -4.67 7.35 -7.36
N VAL B 252 -3.81 6.92 -8.26
CA VAL B 252 -3.03 7.84 -9.15
C VAL B 252 -3.96 8.38 -10.24
N ASP B 253 -4.64 7.49 -10.96
CA ASP B 253 -5.44 7.86 -12.17
C ASP B 253 -6.85 8.29 -11.75
N GLN B 254 -7.25 8.10 -10.50
CA GLN B 254 -8.60 8.43 -9.95
C GLN B 254 -9.73 7.79 -10.77
N GLN B 255 -9.51 6.58 -11.26
CA GLN B 255 -10.51 5.89 -12.12
C GLN B 255 -11.64 5.34 -11.26
N ARG B 256 -12.83 5.37 -11.84
CA ARG B 256 -14.00 4.64 -11.32
C ARG B 256 -14.62 3.89 -12.48
N PRO B 257 -15.36 2.81 -12.23
CA PRO B 257 -15.99 2.09 -13.34
C PRO B 257 -16.86 3.03 -14.19
N ASN B 258 -16.79 2.82 -15.50
CA ASN B 258 -17.55 3.64 -16.47
C ASN B 258 -19.03 3.25 -16.36
N ILE B 259 -19.89 4.26 -16.41
CA ILE B 259 -21.36 4.04 -16.47
C ILE B 259 -21.74 3.96 -17.93
N PRO B 260 -22.21 2.81 -18.46
CA PRO B 260 -22.69 2.75 -19.83
C PRO B 260 -23.79 3.78 -20.08
N ASN B 261 -23.68 4.55 -21.17
CA ASN B 261 -24.68 5.61 -21.40
C ASN B 261 -26.09 5.05 -21.59
N ARG B 262 -26.22 3.81 -22.02
CA ARG B 262 -27.60 3.24 -22.20
C ARG B 262 -28.33 3.19 -20.87
N TRP B 263 -27.63 3.17 -19.72
CA TRP B 263 -28.33 3.16 -18.43
C TRP B 263 -29.20 4.40 -18.22
N PHE B 264 -28.81 5.53 -18.78
CA PHE B 264 -29.49 6.81 -18.50
C PHE B 264 -30.85 6.83 -19.22
N SER B 265 -31.14 5.89 -20.13
CA SER B 265 -32.52 5.77 -20.70
C SER B 265 -33.47 5.06 -19.75
N ASP B 266 -32.97 4.32 -18.75
CA ASP B 266 -33.78 3.46 -17.85
C ASP B 266 -33.80 4.04 -16.44
N PRO B 267 -34.97 4.29 -15.84
CA PRO B 267 -35.00 4.95 -14.54
C PRO B 267 -34.34 4.14 -13.45
N THR B 268 -34.47 2.82 -13.51
CA THR B 268 -33.88 1.92 -12.50
C THR B 268 -32.34 2.02 -12.56
N LEU B 269 -31.79 1.84 -13.74
CA LEU B 269 -30.32 1.92 -13.90
C LEU B 269 -29.80 3.34 -13.64
N THR B 270 -30.57 4.36 -13.96
CA THR B 270 -30.17 5.76 -13.64
C THR B 270 -30.06 5.89 -12.12
N SER B 271 -31.01 5.36 -11.36
CA SER B 271 -31.00 5.38 -9.86
C SER B 271 -29.83 4.56 -9.34
N LEU B 272 -29.58 3.40 -9.93
CA LEU B 272 -28.46 2.55 -9.48
C LEU B 272 -27.10 3.25 -9.77
N ALA B 273 -26.94 3.90 -10.92
CA ALA B 273 -25.70 4.63 -11.23
C ALA B 273 -25.48 5.71 -10.14
N LYS B 274 -26.55 6.39 -9.73
CA LYS B 274 -26.43 7.47 -8.71
C LYS B 274 -25.95 6.80 -7.42
N LEU B 275 -26.52 5.66 -7.06
CA LEU B 275 -26.19 4.96 -5.82
C LEU B 275 -24.74 4.52 -5.87
N MET B 276 -24.28 3.92 -6.96
CA MET B 276 -22.91 3.40 -6.95
C MET B 276 -21.91 4.57 -6.92
N LYS B 277 -22.21 5.75 -7.50
CA LYS B 277 -21.32 6.92 -7.42
C LYS B 277 -21.19 7.36 -5.96
N GLU B 278 -22.25 7.25 -5.18
CA GLU B 278 -22.23 7.65 -3.75
C GLU B 278 -21.54 6.59 -2.87
N CYS B 279 -21.10 5.48 -3.47
CA CYS B 279 -20.24 4.47 -2.79
C CYS B 279 -18.75 4.72 -3.10
N TRP B 280 -18.43 5.56 -4.07
CA TRP B 280 -17.10 5.65 -4.71
C TRP B 280 -16.40 6.97 -4.42
N TYR B 281 -16.90 7.80 -3.54
CA TYR B 281 -16.19 9.05 -3.18
C TYR B 281 -14.80 8.71 -2.71
N GLN B 282 -13.76 9.45 -3.12
CA GLN B 282 -12.40 9.23 -2.53
C GLN B 282 -12.48 9.55 -1.03
N ASN B 283 -13.26 10.53 -0.60
CA ASN B 283 -13.48 10.84 0.84
C ASN B 283 -14.36 9.76 1.47
N PRO B 284 -13.80 8.84 2.30
CA PRO B 284 -14.60 7.73 2.81
C PRO B 284 -15.83 8.19 3.58
N SER B 285 -15.73 9.30 4.32
CA SER B 285 -16.84 9.81 5.15
C SER B 285 -17.99 10.36 4.29
N ALA B 286 -17.76 10.60 3.00
CA ALA B 286 -18.83 11.04 2.07
C ALA B 286 -19.71 9.88 1.63
N ARG B 287 -19.21 8.64 1.73
CA ARG B 287 -19.93 7.48 1.18
C ARG B 287 -21.21 7.21 1.97
N LEU B 288 -22.20 6.66 1.29
CA LEU B 288 -23.47 6.23 1.92
C LEU B 288 -23.20 5.15 2.96
N THR B 289 -24.10 5.00 3.92
CA THR B 289 -24.11 3.87 4.87
C THR B 289 -24.85 2.69 4.26
N ALA B 290 -24.64 1.50 4.81
CA ALA B 290 -25.29 0.29 4.30
C ALA B 290 -26.79 0.43 4.55
N LEU B 291 -27.16 1.02 5.68
CA LEU B 291 -28.62 1.21 5.97
C LEU B 291 -29.24 2.15 4.91
N ARG B 292 -28.58 3.23 4.56
CA ARG B 292 -29.09 4.20 3.57
C ARG B 292 -29.21 3.48 2.23
N ILE B 293 -28.23 2.64 1.90
CA ILE B 293 -28.31 1.91 0.61
C ILE B 293 -29.54 1.02 0.64
N LYS B 294 -29.71 0.26 1.70
CA LYS B 294 -30.87 -0.65 1.81
C LYS B 294 -32.17 0.15 1.66
N LYS B 295 -32.27 1.28 2.34
CA LYS B 295 -33.53 2.09 2.27
C LYS B 295 -33.72 2.61 0.84
N THR B 296 -32.66 3.04 0.16
CA THR B 296 -32.77 3.57 -1.23
C THR B 296 -33.23 2.44 -2.16
N LEU B 297 -32.63 1.26 -2.07
CA LEU B 297 -33.00 0.11 -2.92
C LEU B 297 -34.44 -0.37 -2.62
N THR B 298 -34.93 -0.23 -1.39
CA THR B 298 -36.31 -0.59 -1.02
C THR B 298 -37.28 0.32 -1.76
N LYS B 299 -36.91 1.58 -2.00
CA LYS B 299 -37.75 2.61 -2.67
C LYS B 299 -37.67 2.50 -4.21
N ILE B 300 -36.54 2.06 -4.80
CA ILE B 300 -36.30 2.06 -6.27
C ILE B 300 -37.15 0.93 -6.88
N ASP B 301 -37.75 1.09 -8.08
CA ASP B 301 -38.42 -0.05 -8.80
C ASP B 301 -38.06 -0.05 -10.30
C10 LU8 C . 26.80 6.32 -9.73
C10 LU8 C . 26.57 6.67 -9.22
C13 LU8 C . 28.23 9.82 -10.45
C13 LU8 C . 27.74 10.28 -9.42
C15 LU8 C . 29.16 10.91 -12.49
C15 LU8 C . 28.89 11.70 -11.05
C17 LU8 C . 30.21 10.75 -14.89
C17 LU8 C . 30.88 12.81 -12.16
C20 LU8 C . 28.81 12.70 -14.12
C20 LU8 C . 28.75 14.01 -12.02
C21 LU8 C . 28.11 11.60 -13.32
C21 LU8 C . 27.93 12.80 -11.54
C22 LU8 C . 28.37 8.52 -12.43
C22 LU8 C . 28.28 9.24 -11.48
C24 LU8 C . 26.99 5.94 -8.39
C24 LU8 C . 26.73 6.19 -7.92
C26 LU8 C . 26.09 5.29 -5.46
C26 LU8 C . 25.80 5.16 -5.05
C01 LU8 C . 27.75 0.52 -5.37
C01 LU8 C . 27.69 0.64 -5.50
C03 LU8 C . 26.77 2.67 -4.82
C03 LU8 C . 26.89 2.69 -4.61
C04 LU8 C . 26.68 3.09 -6.16
C04 LU8 C . 26.77 3.18 -5.91
C05 LU8 C . 26.35 4.37 -6.49
C05 LU8 C . 26.23 4.43 -6.16
C06 LU8 C . 26.26 4.85 -7.91
C06 LU8 C . 26.10 4.99 -7.55
C07 LU8 C . 25.41 4.13 -8.76
C07 LU8 C . 25.38 4.27 -8.52
C09 LU8 C . 25.91 5.57 -10.50
C09 LU8 C . 25.83 5.92 -10.12
C11 LU8 C . 27.45 7.50 -10.42
C11 LU8 C . 27.19 7.95 -9.72
C12 LU8 C . 27.63 8.72 -9.78
C12 LU8 C . 27.18 9.09 -8.95
C14 LU8 C . 28.57 9.72 -11.78
C14 LU8 C . 28.29 10.37 -10.67
C16 LU8 C . 30.38 10.55 -13.37
C16 LU8 C . 30.05 11.52 -12.04
C19 LU8 C . 30.84 13.03 -15.40
C19 LU8 C . 30.23 13.87 -10.07
C23 LU8 C . 27.80 7.41 -11.76
C23 LU8 C . 27.71 8.03 -10.99
C25 LU8 C . 27.97 6.67 -7.47
C25 LU8 C . 27.60 6.98 -6.96
C27 LU8 C . 26.14 4.87 -4.12
C27 LU8 C . 25.91 4.70 -3.74
C29 LU8 C . 25.23 6.98 -3.26
C29 LU8 C . 25.34 6.82 -2.66
C30 LU8 C . 26.54 3.58 -3.81
C30 LU8 C . 26.48 3.46 -3.53
C32 LU8 C . 25.58 2.39 -1.93
C32 LU8 C . 25.64 2.05 -1.82
N08 LU8 C . 25.22 4.52 -10.02
N08 LU8 C . 25.24 4.77 -9.76
N18 LU8 C . 29.69 12.12 -15.17
N18 LU8 C . 30.15 13.93 -11.55
O02 LU8 C . 27.13 1.38 -4.41
O02 LU8 C . 27.44 1.43 -4.34
O28 LU8 C . 25.88 5.70 -3.06
O28 LU8 C . 25.50 5.38 -2.60
O31 LU8 C . 26.60 3.22 -2.47
O31 LU8 C . 26.58 2.99 -2.24
C1 EDO D . 16.18 -0.15 -9.03
O1 EDO D . 16.26 -1.12 -10.13
C2 EDO D . 17.14 0.93 -9.19
O2 EDO D . 18.51 0.50 -9.31
C1 EDO E . 16.85 29.67 7.93
O1 EDO E . 17.61 30.80 7.51
C2 EDO E . 17.63 28.40 7.99
O2 EDO E . 18.32 27.94 6.81
C1 EDO F . 20.59 25.61 25.49
O1 EDO F . 20.94 24.30 25.07
C2 EDO F . 21.68 26.54 25.16
O2 EDO F . 22.57 26.02 24.14
C1 EDO G . 27.47 25.52 3.93
O1 EDO G . 26.44 25.50 4.89
C2 EDO G . 27.60 26.66 2.99
O2 EDO G . 27.45 27.97 3.48
C10 LU8 H . 26.29 -17.09 -11.27
C13 LU8 H . 23.03 -18.46 -10.03
C15 LU8 H . 22.10 -20.81 -9.81
C17 LU8 H . 20.73 -22.75 -10.52
C20 LU8 H . 21.06 -22.35 -8.12
C21 LU8 H . 22.33 -21.55 -8.50
C22 LU8 H . 24.41 -20.25 -10.71
C24 LU8 H . 26.77 -16.12 -10.37
C26 LU8 H . 29.21 -14.94 -8.91
C01 LU8 H . 28.61 -10.08 -10.66
C03 LU8 H . 29.51 -12.14 -9.56
C04 LU8 H . 28.71 -12.94 -10.36
C05 LU8 H . 28.54 -14.30 -10.01
C06 LU8 H . 27.78 -15.30 -10.82
C07 LU8 H . 28.38 -15.51 -12.06
C09 LU8 H . 26.88 -17.20 -12.53
C11 LU8 H . 25.20 -17.98 -10.94
C12 LU8 H . 24.01 -17.54 -10.41
C14 LU8 H . 23.20 -19.84 -10.18
C16 LU8 H . 21.97 -21.90 -10.85
C19 LU8 H . 19.35 -23.96 -8.91
C23 LU8 H . 25.39 -19.33 -11.09
C25 LU8 H . 26.14 -15.86 -9.07
C27 LU8 H . 30.04 -14.12 -8.11
C29 LU8 H . 30.52 -15.98 -6.61
C30 LU8 H . 30.18 -12.76 -8.44
C32 LU8 H . 30.40 -11.03 -6.76
N08 LU8 H . 27.90 -16.42 -12.92
N18 LU8 H . 20.69 -23.34 -9.17
O02 LU8 H . 29.65 -10.77 -9.88
O28 LU8 H . 30.74 -14.61 -7.01
O31 LU8 H . 31.03 -12.00 -7.62
C10 LU8 I . 21.66 -17.06 -13.01
C13 LU8 I . 18.94 -19.57 -12.69
C15 LU8 I . 17.24 -20.01 -10.77
C17 LU8 I . 15.02 -21.13 -11.38
C20 LU8 I . 16.17 -21.79 -9.34
C21 LU8 I . 17.47 -21.33 -10.05
C22 LU8 I . 18.98 -18.27 -10.65
C24 LU8 I . 21.77 -15.65 -12.95
C26 LU8 I . 23.31 -12.89 -12.05
C01 LU8 I . 22.30 -10.88 -16.50
C03 LU8 I . 22.80 -11.28 -14.22
C04 LU8 I . 22.76 -12.62 -14.40
C05 LU8 I . 22.97 -13.49 -13.31
C06 LU8 I . 22.86 -14.97 -13.43
C07 LU8 I . 23.88 -15.71 -13.98
C09 LU8 I . 22.73 -17.68 -13.61
C11 LU8 I . 20.53 -17.83 -12.52
C12 LU8 I . 19.97 -18.88 -13.28
C14 LU8 I . 18.42 -19.31 -11.41
C16 LU8 I . 16.15 -20.19 -11.82
C19 LU8 I . 13.72 -21.85 -9.50
C23 LU8 I . 20.05 -17.56 -11.21
C25 LU8 I . 20.64 -14.83 -12.42
C27 LU8 I . 23.39 -11.53 -11.91
C29 LU8 I . 23.96 -11.69 -9.58
C30 LU8 I . 23.12 -10.71 -12.97
C32 LU8 I . 24.31 -8.58 -13.07
N08 LU8 I . 23.76 -17.03 -14.08
N18 LU8 I . 14.95 -21.16 -9.90
O02 LU8 I . 22.61 -10.36 -15.21
O28 LU8 I . 23.66 -10.92 -10.72
O31 LU8 I . 23.13 -9.35 -12.82
N01 XHG J . 11.82 39.34 -0.33
C02 XHG J . 11.31 39.62 -1.64
C03 XHG J . 10.83 38.43 -2.35
C04 XHG J . 9.74 38.95 -3.40
C05 XHG J . 10.39 39.91 -3.96
C06 XHG J . 11.79 39.25 -4.13
O07 XHG J . 11.67 38.02 -3.19
S DMS K . 12.55 35.84 -0.94
O DMS K . 11.29 35.43 -0.32
C1 DMS K . 13.71 34.55 -0.62
C2 DMS K . 13.22 37.06 0.12
S SO4 L . 19.09 4.00 -15.79
O1 SO4 L . 18.59 2.88 -15.03
O2 SO4 L . 17.96 4.56 -16.49
O3 SO4 L . 19.66 4.96 -14.97
O4 SO4 L . 20.09 3.53 -16.76
S SO4 M . 28.57 19.03 4.60
O1 SO4 M . 27.19 18.82 5.03
O2 SO4 M . 28.87 20.47 4.51
O3 SO4 M . 28.77 18.43 3.26
O4 SO4 M . 29.48 18.39 5.51
C1 EDO N . 10.50 -6.47 -1.25
O1 EDO N . 11.38 -5.46 -1.70
C2 EDO N . 10.90 -7.26 -0.09
O2 EDO N . 11.10 -8.61 -0.46
C1 EDO O . 25.51 -25.85 -9.19
O1 EDO O . 24.86 -26.55 -10.25
C2 EDO O . 25.00 -24.47 -9.05
O2 EDO O . 25.47 -23.63 -10.08
C1 EDO P . 5.00 36.23 -8.80
O1 EDO P . 3.72 36.15 -9.45
C2 EDO P . 5.75 34.93 -8.75
O2 EDO P . 7.07 35.00 -9.25
C1 EDO Q . 32.71 12.16 1.62
O1 EDO Q . 33.89 12.83 1.26
C2 EDO Q . 32.81 11.62 2.99
O2 EDO Q . 32.40 10.28 3.04
C1 EDO R . 20.45 32.42 -2.34
O1 EDO R . 21.25 32.71 -1.20
C2 EDO R . 19.70 31.13 -2.29
O2 EDO R . 18.53 31.03 -1.42
C10 LU8 S . -20.70 -22.91 -3.47
C13 LU8 S . -20.93 -24.42 -6.94
C15 LU8 S . -20.21 -23.80 -9.17
C17 LU8 S . -20.20 -22.71 -11.48
C20 LU8 S . -18.52 -24.42 -10.98
C21 LU8 S . -18.95 -24.55 -9.50
C22 LU8 S . -19.72 -22.32 -7.09
C24 LU8 S . -19.71 -22.43 -2.60
C26 LU8 S . -18.51 -20.40 -0.48
C01 LU8 S . -17.94 -23.76 3.23
C03 LU8 S . -17.79 -21.78 1.79
C04 LU8 S . -18.71 -22.37 0.92
C05 LU8 S . -19.08 -21.67 -0.22
C06 LU8 S . -20.07 -22.26 -1.22
C07 LU8 S . -21.34 -22.58 -0.76
C09 LU8 S . -21.94 -23.20 -2.96
C11 LU8 S . -20.50 -23.10 -4.95
C12 LU8 S . -21.03 -24.25 -5.56
C14 LU8 S . -20.25 -23.50 -7.69
C16 LU8 S . -20.24 -22.48 -9.95
C19 LU8 S . -19.12 -23.95 -13.20
C23 LU8 S . -19.84 -22.13 -5.74
C25 LU8 S . -18.32 -22.16 -3.14
C27 LU8 S . -17.63 -19.83 0.45
C29 LU8 S . -17.29 -17.90 -0.91
C30 LU8 S . -17.25 -20.56 1.54
C32 LU8 S . -16.93 -19.35 3.54
N08 LU8 S . -22.27 -23.03 -1.65
N18 LU8 S . -19.63 -24.04 -11.81
O02 LU8 S . -17.42 -22.45 2.96
O28 LU8 S . -17.02 -18.64 0.29
O31 LU8 S . -16.31 -20.02 2.42
S SO4 T . -30.88 -22.71 -1.87
O1 SO4 T . -30.92 -24.09 -2.24
O2 SO4 T . -32.12 -22.07 -2.19
O3 SO4 T . -30.68 -22.55 -0.45
O4 SO4 T . -29.81 -22.12 -2.58
C1 EDO U . -12.61 3.20 -16.05
O1 EDO U . -12.09 2.90 -17.40
C2 EDO U . -12.26 2.20 -15.02
O2 EDO U . -12.63 0.84 -15.35
S DMS V . -35.87 7.71 5.83
O DMS V . -35.51 6.70 4.75
C1 DMS V . -34.84 7.38 7.23
C2 DMS V . -35.14 9.25 5.35
S SO4 W . -7.39 -17.96 -5.30
O1 SO4 W . -7.48 -17.74 -3.89
O2 SO4 W . -8.63 -18.53 -5.79
O3 SO4 W . -6.31 -18.88 -5.58
O4 SO4 W . -7.13 -16.71 -5.97
S SO4 X . -6.15 -11.43 -4.92
O1 SO4 X . -7.10 -12.39 -5.38
O2 SO4 X . -6.65 -10.15 -5.20
O3 SO4 X . -5.97 -11.58 -3.50
O4 SO4 X . -4.88 -11.61 -5.62
C1 EDO Y . -28.43 -18.09 4.13
O1 EDO Y . -28.92 -17.69 5.31
C2 EDO Y . -27.95 -19.41 4.54
O2 EDO Y . -27.08 -20.00 3.68
C1 EDO Z . -13.88 12.71 -2.95
O1 EDO Z . -14.97 12.65 -2.03
C2 EDO Z . -14.28 13.14 -4.34
O2 EDO Z . -14.97 12.14 -5.09
C1 EDO AA . -31.88 -10.03 -23.80
O1 EDO AA . -32.76 -8.95 -24.03
C2 EDO AA . -30.52 -9.64 -24.21
O2 EDO AA . -30.49 -8.33 -24.79
#